data_5TVL
#
_entry.id   5TVL
#
_cell.length_a   72.315
_cell.length_b   70.940
_cell.length_c   116.626
_cell.angle_alpha   90.00
_cell.angle_beta   91.49
_cell.angle_gamma   90.00
#
_symmetry.space_group_name_H-M   'P 1 21 1'
#
loop_
_entity.id
_entity.type
_entity.pdbx_description
1 polymer 'Foldase protein PrsA'
2 non-polymer 'CHLORIDE ION'
3 non-polymer 'SULFATE ION'
4 non-polymer GLYCEROL
5 water water
#
_entity_poly.entity_id   1
_entity_poly.type   'polypeptide(L)'
_entity_poly.pdbx_seq_one_letter_code
;GADLISMKGDVITEHQFYEQVKNNPSAQQVLLNMTIQKVFEKQYGSELDDKEVDDTIAEEKKQYGENYQRVLSQAGMTLE
TRKAQIRTSKLVELAVKKVAEAELTDEAYKKAFDEYTPDVTAQIIRLNNEDKAKEVLEKAKAEGADFAQLAKDNSTDEKT
KENGGEITFDSASTEVPEQVKKAAFALDVDGVSDVITATGTQAYSSQYYIVKLTKKTEKSSNIDDYKEKLKTVILTQKQN
DSTFVQSIIGKELQAANIKVKDQAFQNIFTQYIGGGDSSSSSSTSNE
;
_entity_poly.pdbx_strand_id   A,B,C,D
#
loop_
_chem_comp.id
_chem_comp.type
_chem_comp.name
_chem_comp.formula
CL non-polymer 'CHLORIDE ION' 'Cl -1'
GOL non-polymer GLYCEROL 'C3 H8 O3'
SO4 non-polymer 'SULFATE ION' 'O4 S -2'
#
# COMPACT_ATOMS: atom_id res chain seq x y z
N GLY A 1 23.27 20.35 35.03
CA GLY A 1 22.43 21.22 34.15
C GLY A 1 23.03 22.60 33.91
N ALA A 2 22.91 23.08 32.68
CA ALA A 2 23.50 24.35 32.24
C ALA A 2 22.41 25.38 31.92
N ASP A 3 22.84 26.59 31.57
CA ASP A 3 21.94 27.67 31.14
C ASP A 3 21.88 27.71 29.62
N LEU A 4 20.66 27.83 29.09
CA LEU A 4 20.43 27.86 27.64
C LEU A 4 20.27 29.29 27.11
N ILE A 5 19.57 30.15 27.86
CA ILE A 5 19.37 31.56 27.50
C ILE A 5 19.74 32.44 28.70
N SER A 6 20.45 33.53 28.43
CA SER A 6 20.75 34.54 29.45
C SER A 6 20.24 35.90 28.98
N MET A 7 19.54 36.58 29.89
CA MET A 7 19.06 37.95 29.69
C MET A 7 19.60 38.78 30.85
N LYS A 8 19.35 40.09 30.82
CA LYS A 8 19.76 40.98 31.91
C LYS A 8 18.94 40.68 33.18
N GLY A 9 19.62 40.12 34.19
CA GLY A 9 19.00 39.79 35.46
C GLY A 9 18.14 38.54 35.48
N ASP A 10 18.34 37.64 34.51
CA ASP A 10 17.55 36.40 34.44
C ASP A 10 18.15 35.41 33.43
N VAL A 11 17.92 34.12 33.67
CA VAL A 11 18.33 33.03 32.75
C VAL A 11 17.25 31.96 32.59
N ILE A 12 17.30 31.23 31.48
CA ILE A 12 16.52 30.02 31.26
C ILE A 12 17.48 28.85 31.36
N THR A 13 17.23 27.95 32.32
CA THR A 13 18.05 26.76 32.51
C THR A 13 17.52 25.61 31.67
N GLU A 14 18.38 24.60 31.48
CA GLU A 14 18.03 23.37 30.78
C GLU A 14 16.87 22.61 31.43
N HIS A 15 16.83 22.58 32.76
N HIS A 15 16.83 22.58 32.76
CA HIS A 15 15.74 21.94 33.50
CA HIS A 15 15.74 21.95 33.51
C HIS A 15 14.41 22.67 33.31
C HIS A 15 14.41 22.68 33.33
N GLN A 16 14.45 24.01 33.34
CA GLN A 16 13.27 24.84 33.07
C GLN A 16 12.74 24.67 31.64
N PHE A 17 13.64 24.60 30.67
CA PHE A 17 13.27 24.29 29.28
C PHE A 17 12.70 22.88 29.14
N TYR A 18 13.35 21.90 29.77
CA TYR A 18 12.80 20.55 29.83
C TYR A 18 11.38 20.54 30.39
N GLU A 19 11.18 21.18 31.53
CA GLU A 19 9.87 21.20 32.19
C GLU A 19 8.74 21.80 31.34
N GLN A 20 9.08 22.62 30.36
CA GLN A 20 8.11 23.12 29.37
C GLN A 20 8.06 22.26 28.11
N VAL A 21 9.22 21.90 27.55
CA VAL A 21 9.29 21.13 26.29
C VAL A 21 8.70 19.72 26.38
N LYS A 22 8.69 19.14 27.58
CA LYS A 22 8.10 17.80 27.81
C LYS A 22 6.61 17.67 27.45
N ASN A 23 5.89 18.79 27.41
CA ASN A 23 4.49 18.80 26.97
C ASN A 23 4.31 18.93 25.46
N ASN A 24 5.40 19.24 24.73
CA ASN A 24 5.36 19.41 23.28
C ASN A 24 5.19 18.03 22.63
N PRO A 25 4.11 17.83 21.82
CA PRO A 25 3.87 16.54 21.17
C PRO A 25 5.10 15.98 20.43
N SER A 26 5.75 16.84 19.65
CA SER A 26 6.96 16.49 18.89
C SER A 26 8.08 15.98 19.81
N ALA A 27 8.26 16.64 20.95
CA ALA A 27 9.25 16.25 21.94
C ALA A 27 8.92 14.91 22.63
N GLN A 28 7.63 14.66 22.86
CA GLN A 28 7.21 13.38 23.42
C GLN A 28 7.49 12.20 22.46
N GLN A 29 7.39 12.47 21.16
CA GLN A 29 7.75 11.50 20.12
C GLN A 29 9.26 11.20 20.12
N VAL A 30 10.08 12.20 20.43
CA VAL A 30 11.54 12.03 20.52
C VAL A 30 11.94 11.08 21.66
N LEU A 31 11.29 11.19 22.82
CA LEU A 31 11.56 10.25 23.92
C LEU A 31 11.09 8.85 23.58
N LEU A 32 9.95 8.75 22.91
CA LEU A 32 9.42 7.48 22.43
C LEU A 32 10.39 6.81 21.45
N ASN A 33 10.94 7.61 20.54
CA ASN A 33 11.89 7.10 19.55
C ASN A 33 13.25 6.75 20.12
N MET A 34 13.69 7.48 21.14
CA MET A 34 14.89 7.13 21.91
C MET A 34 14.70 5.82 22.67
N THR A 35 13.48 5.58 23.17
CA THR A 35 13.14 4.34 23.88
C THR A 35 13.14 3.13 22.94
N ILE A 36 12.49 3.28 21.79
CA ILE A 36 12.47 2.25 20.75
C ILE A 36 13.90 1.92 20.31
N GLN A 37 14.73 2.95 20.08
CA GLN A 37 16.12 2.75 19.67
C GLN A 37 16.90 1.87 20.66
N LYS A 38 16.81 2.20 21.95
CA LYS A 38 17.56 1.48 22.99
C LYS A 38 17.16 0.01 23.14
N VAL A 39 15.86 -0.27 23.08
CA VAL A 39 15.35 -1.64 23.21
C VAL A 39 15.73 -2.49 21.98
N PHE A 40 15.53 -1.93 20.79
CA PHE A 40 15.83 -2.65 19.54
C PHE A 40 17.33 -2.81 19.29
N GLU A 41 18.14 -1.94 19.86
CA GLU A 41 19.60 -2.10 19.83
C GLU A 41 20.04 -3.25 20.75
N LYS A 42 19.49 -3.29 21.96
CA LYS A 42 19.81 -4.34 22.94
C LYS A 42 19.49 -5.74 22.39
N GLN A 43 18.32 -5.87 21.76
CA GLN A 43 17.85 -7.16 21.24
C GLN A 43 18.55 -7.57 19.95
N TYR A 44 18.42 -6.74 18.92
CA TYR A 44 18.81 -7.12 17.55
C TYR A 44 20.06 -6.41 17.00
N GLY A 45 20.69 -5.55 17.81
CA GLY A 45 21.80 -4.70 17.35
C GLY A 45 23.00 -5.44 16.77
N SER A 46 23.41 -6.51 17.45
CA SER A 46 24.52 -7.37 17.02
C SER A 46 24.35 -7.99 15.62
N GLU A 47 23.11 -8.26 15.22
CA GLU A 47 22.82 -8.86 13.91
C GLU A 47 23.06 -7.93 12.73
N LEU A 48 22.98 -6.62 12.97
CA LEU A 48 23.02 -5.63 11.89
C LEU A 48 24.43 -5.11 11.65
N ASP A 49 24.86 -5.21 10.39
CA ASP A 49 26.17 -4.72 9.96
C ASP A 49 26.08 -3.21 9.67
N ASP A 50 27.16 -2.48 9.97
CA ASP A 50 27.21 -1.04 9.71
C ASP A 50 27.35 -0.65 8.23
N LYS A 51 27.75 -1.60 7.38
CA LYS A 51 27.89 -1.35 5.93
C LYS A 51 26.56 -1.00 5.26
N GLU A 52 25.50 -1.73 5.60
CA GLU A 52 24.15 -1.49 5.04
C GLU A 52 23.58 -0.13 5.45
N VAL A 53 23.88 0.30 6.68
CA VAL A 53 23.46 1.60 7.18
C VAL A 53 24.24 2.70 6.45
N ASP A 54 25.53 2.48 6.23
CA ASP A 54 26.37 3.41 5.45
C ASP A 54 25.94 3.50 3.98
N ASP A 55 25.39 2.42 3.43
CA ASP A 55 24.86 2.41 2.06
C ASP A 55 23.59 3.26 1.92
N THR A 56 22.68 3.11 2.89
CA THR A 56 21.42 3.84 2.91
C THR A 56 21.64 5.34 3.04
N ILE A 57 22.50 5.75 3.98
CA ILE A 57 22.77 7.18 4.22
C ILE A 57 23.62 7.79 3.08
N ALA A 58 24.43 6.96 2.42
CA ALA A 58 25.16 7.39 1.22
C ALA A 58 24.20 7.57 0.04
N GLU A 59 23.30 6.60 -0.15
CA GLU A 59 22.23 6.70 -1.15
C GLU A 59 21.37 7.94 -0.89
N GLU A 60 21.03 8.15 0.38
CA GLU A 60 20.19 9.27 0.81
C GLU A 60 20.87 10.62 0.54
N LYS A 61 22.18 10.69 0.79
CA LYS A 61 22.95 11.90 0.53
C LYS A 61 23.01 12.24 -0.96
N LYS A 62 23.10 11.23 -1.83
CA LYS A 62 23.07 11.43 -3.28
C LYS A 62 21.71 11.94 -3.76
N GLN A 63 20.64 11.36 -3.23
CA GLN A 63 19.27 11.76 -3.57
C GLN A 63 18.99 13.24 -3.33
N TYR A 64 19.38 13.72 -2.15
CA TYR A 64 19.15 15.12 -1.78
C TYR A 64 20.24 16.07 -2.32
N GLY A 65 21.49 15.65 -2.27
CA GLY A 65 22.61 16.45 -2.78
C GLY A 65 22.97 17.52 -1.76
N GLU A 66 23.02 18.77 -2.18
CA GLU A 66 23.27 19.90 -1.28
C GLU A 66 22.04 20.34 -0.48
N ASN A 67 20.86 19.81 -0.84
CA ASN A 67 19.65 19.96 -0.01
C ASN A 67 19.71 19.18 1.31
N TYR A 68 20.59 18.19 1.42
CA TYR A 68 20.51 17.20 2.51
C TYR A 68 20.61 17.82 3.90
N GLN A 69 21.64 18.63 4.14
CA GLN A 69 21.84 19.29 5.43
C GLN A 69 20.61 20.12 5.82
N ARG A 70 20.12 20.88 4.85
CA ARG A 70 18.90 21.68 4.98
C ARG A 70 17.65 20.82 5.29
N VAL A 71 17.54 19.67 4.63
CA VAL A 71 16.44 18.72 4.84
C VAL A 71 16.49 17.99 6.19
N LEU A 72 17.68 17.66 6.67
CA LEU A 72 17.83 16.99 7.98
C LEU A 72 17.38 17.89 9.14
N SER A 73 17.67 19.19 9.05
CA SER A 73 17.20 20.19 10.05
C SER A 73 15.68 20.15 10.22
N GLN A 74 14.96 20.20 9.10
CA GLN A 74 13.49 20.19 9.10
C GLN A 74 12.91 18.90 9.70
N ALA A 75 13.60 17.78 9.48
CA ALA A 75 13.22 16.48 10.07
C ALA A 75 13.62 16.33 11.55
N GLY A 76 14.32 17.32 12.11
CA GLY A 76 14.76 17.29 13.50
C GLY A 76 15.96 16.38 13.68
N MET A 77 16.87 16.42 12.70
CA MET A 77 17.99 15.47 12.62
C MET A 77 19.29 16.17 12.27
N THR A 78 20.35 15.75 12.94
CA THR A 78 21.71 15.87 12.42
C THR A 78 22.11 14.59 11.69
N LEU A 79 23.26 14.62 11.02
CA LEU A 79 23.77 13.48 10.25
C LEU A 79 23.98 12.23 11.12
N GLU A 80 24.50 12.44 12.33
CA GLU A 80 24.73 11.37 13.30
C GLU A 80 23.44 10.66 13.72
N THR A 81 22.46 11.43 14.18
CA THR A 81 21.20 10.87 14.68
C THR A 81 20.23 10.40 13.57
N ARG A 82 20.47 10.84 12.33
CA ARG A 82 19.80 10.26 11.16
C ARG A 82 20.34 8.86 10.89
N LYS A 83 21.67 8.73 10.90
CA LYS A 83 22.35 7.44 10.78
C LYS A 83 21.87 6.46 11.86
N ALA A 84 21.62 6.97 13.06
CA ALA A 84 21.04 6.19 14.17
C ALA A 84 19.58 5.82 13.92
N GLN A 85 18.81 6.74 13.33
CA GLN A 85 17.40 6.49 12.98
C GLN A 85 17.25 5.40 11.90
N ILE A 86 18.10 5.45 10.87
CA ILE A 86 18.13 4.45 9.80
C ILE A 86 18.43 3.07 10.40
N ARG A 87 19.45 3.00 11.25
CA ARG A 87 19.80 1.78 11.99
C ARG A 87 18.61 1.22 12.78
N THR A 88 17.90 2.08 13.51
CA THR A 88 16.73 1.67 14.28
C THR A 88 15.62 1.09 13.37
N SER A 89 15.35 1.77 12.27
CA SER A 89 14.40 1.30 11.25
C SER A 89 14.75 -0.09 10.74
N LYS A 90 16.03 -0.29 10.43
CA LYS A 90 16.53 -1.58 9.97
C LYS A 90 16.39 -2.66 11.04
N LEU A 91 16.65 -2.31 12.30
CA LEU A 91 16.46 -3.25 13.42
C LEU A 91 14.99 -3.60 13.68
N VAL A 92 14.08 -2.68 13.40
CA VAL A 92 12.64 -2.94 13.53
C VAL A 92 12.18 -3.90 12.42
N GLU A 93 12.44 -3.55 11.17
CA GLU A 93 12.01 -4.39 10.05
C GLU A 93 12.67 -5.78 10.07
N LEU A 94 13.90 -5.85 10.58
CA LEU A 94 14.57 -7.12 10.86
C LEU A 94 13.78 -7.96 11.87
N ALA A 95 13.37 -7.34 12.97
CA ALA A 95 12.54 -8.00 13.99
C ALA A 95 11.15 -8.42 13.46
N VAL A 96 10.55 -7.59 12.62
CA VAL A 96 9.23 -7.86 12.02
C VAL A 96 9.28 -9.04 11.03
N LYS A 97 10.40 -9.20 10.32
CA LYS A 97 10.60 -10.35 9.43
C LYS A 97 10.66 -11.67 10.19
N LYS A 98 11.30 -11.69 11.36
CA LYS A 98 11.40 -12.91 12.19
C LYS A 98 10.04 -13.41 12.70
N VAL A 99 9.23 -12.49 13.23
CA VAL A 99 7.93 -12.85 13.81
C VAL A 99 6.96 -13.24 12.69
N ALA A 100 7.04 -12.55 11.54
CA ALA A 100 6.25 -12.91 10.37
C ALA A 100 6.60 -14.31 9.86
N GLU A 101 7.89 -14.62 9.79
CA GLU A 101 8.38 -15.97 9.49
C GLU A 101 7.91 -17.01 10.51
N ALA A 102 7.99 -16.65 11.79
CA ALA A 102 7.56 -17.52 12.89
C ALA A 102 6.04 -17.78 12.93
N GLU A 103 5.25 -16.81 12.45
CA GLU A 103 3.78 -16.93 12.42
C GLU A 103 3.22 -17.48 11.10
N LEU A 104 4.07 -17.81 10.13
CA LEU A 104 3.62 -18.46 8.89
C LEU A 104 2.91 -19.77 9.20
N THR A 105 1.64 -19.86 8.79
CA THR A 105 0.87 -21.09 8.88
C THR A 105 0.81 -21.77 7.52
N ASP A 106 0.32 -23.01 7.50
CA ASP A 106 0.14 -23.76 6.27
C ASP A 106 -1.02 -23.18 5.44
N GLU A 107 -2.09 -22.75 6.12
CA GLU A 107 -3.21 -22.04 5.47
C GLU A 107 -2.81 -20.74 4.75
N ALA A 108 -1.86 -20.00 5.34
CA ALA A 108 -1.31 -18.81 4.69
C ALA A 108 -0.59 -19.19 3.39
N TYR A 109 0.27 -20.21 3.50
CA TYR A 109 0.96 -20.77 2.32
C TYR A 109 0.00 -21.34 1.28
N LYS A 110 -1.05 -22.00 1.76
CA LYS A 110 -2.06 -22.64 0.89
C LYS A 110 -2.85 -21.61 0.10
N LYS A 111 -3.32 -20.58 0.82
CA LYS A 111 -4.06 -19.46 0.23
C LYS A 111 -3.21 -18.71 -0.79
N ALA A 112 -1.95 -18.47 -0.45
CA ALA A 112 -0.98 -17.85 -1.38
C ALA A 112 -0.72 -18.74 -2.59
N PHE A 113 -0.51 -20.03 -2.36
CA PHE A 113 -0.30 -21.01 -3.45
C PHE A 113 -1.49 -21.05 -4.41
N ASP A 114 -2.71 -20.95 -3.85
CA ASP A 114 -3.94 -20.94 -4.65
C ASP A 114 -4.02 -19.70 -5.55
N GLU A 115 -3.79 -18.53 -4.96
CA GLU A 115 -3.92 -17.23 -5.65
C GLU A 115 -2.75 -16.91 -6.59
N TYR A 116 -1.59 -17.52 -6.35
CA TYR A 116 -0.38 -17.28 -7.15
C TYR A 116 -0.48 -17.88 -8.55
N THR A 117 0.00 -17.13 -9.54
CA THR A 117 0.08 -17.56 -10.93
C THR A 117 1.56 -17.50 -11.33
N PRO A 118 2.11 -18.59 -11.91
CA PRO A 118 3.55 -18.66 -12.16
C PRO A 118 4.04 -17.75 -13.29
N ASP A 119 5.36 -17.73 -13.50
CA ASP A 119 5.99 -16.87 -14.50
C ASP A 119 5.38 -17.06 -15.89
N VAL A 120 4.99 -15.95 -16.51
CA VAL A 120 4.58 -15.93 -17.91
C VAL A 120 5.44 -14.88 -18.63
N THR A 121 5.91 -15.21 -19.82
CA THR A 121 6.58 -14.25 -20.68
C THR A 121 5.54 -13.59 -21.57
N ALA A 122 5.76 -12.33 -21.90
CA ALA A 122 4.85 -11.57 -22.76
C ALA A 122 5.54 -10.34 -23.30
N GLN A 123 4.92 -9.74 -24.31
CA GLN A 123 5.41 -8.49 -24.90
C GLN A 123 4.35 -7.41 -24.69
N ILE A 124 4.77 -6.27 -24.16
CA ILE A 124 3.85 -5.16 -23.88
C ILE A 124 4.20 -3.93 -24.71
N ILE A 125 3.18 -3.10 -24.96
CA ILE A 125 3.35 -1.82 -25.68
C ILE A 125 2.58 -0.73 -24.91
N ARG A 126 3.31 0.08 -24.14
CA ARG A 126 2.72 1.22 -23.42
C ARG A 126 2.58 2.43 -24.35
N LEU A 127 1.47 3.15 -24.22
CA LEU A 127 1.14 4.29 -25.09
C LEU A 127 0.55 5.45 -24.28
N ASN A 128 0.78 6.68 -24.75
CA ASN A 128 0.28 7.89 -24.10
C ASN A 128 -1.13 8.25 -24.58
N ASN A 129 -1.36 8.18 -25.88
CA ASN A 129 -2.65 8.52 -26.48
C ASN A 129 -3.55 7.29 -26.56
N GLU A 130 -4.86 7.49 -26.37
CA GLU A 130 -5.84 6.40 -26.55
C GLU A 130 -6.09 6.09 -28.02
N ASP A 131 -6.24 7.13 -28.84
CA ASP A 131 -6.47 6.95 -30.30
C ASP A 131 -5.30 6.29 -31.01
N LYS A 132 -4.08 6.56 -30.56
CA LYS A 132 -2.88 5.88 -31.08
C LYS A 132 -2.82 4.40 -30.65
N ALA A 133 -3.32 4.10 -29.45
CA ALA A 133 -3.42 2.71 -28.97
C ALA A 133 -4.45 1.90 -29.75
N LYS A 134 -5.56 2.53 -30.13
CA LYS A 134 -6.55 1.90 -31.01
C LYS A 134 -6.00 1.63 -32.41
N GLU A 135 -5.12 2.51 -32.89
CA GLU A 135 -4.45 2.37 -34.18
C GLU A 135 -3.49 1.17 -34.19
N VAL A 136 -2.63 1.10 -33.19
CA VAL A 136 -1.64 0.01 -33.05
C VAL A 136 -2.29 -1.35 -32.72
N LEU A 137 -3.41 -1.33 -32.01
CA LEU A 137 -4.15 -2.57 -31.67
C LEU A 137 -4.62 -3.34 -32.91
N GLU A 138 -5.25 -2.63 -33.84
CA GLU A 138 -5.75 -3.25 -35.09
C GLU A 138 -4.61 -3.75 -35.99
N LYS A 139 -3.48 -3.04 -35.97
CA LYS A 139 -2.25 -3.51 -36.64
C LYS A 139 -1.67 -4.75 -35.96
N ALA A 140 -1.77 -4.81 -34.63
CA ALA A 140 -1.30 -5.95 -33.85
C ALA A 140 -2.31 -7.13 -33.70
N LYS A 141 -3.37 -7.14 -34.51
CA LYS A 141 -4.36 -8.24 -34.55
C LYS A 141 -3.73 -9.63 -34.53
N ALA A 145 1.24 -10.64 -37.04
CA ALA A 145 1.98 -9.38 -37.00
C ALA A 145 3.26 -9.51 -36.16
N ASP A 146 4.26 -8.68 -36.49
CA ASP A 146 5.55 -8.67 -35.76
C ASP A 146 5.44 -7.74 -34.54
N PHE A 147 5.00 -8.33 -33.42
CA PHE A 147 4.71 -7.57 -32.20
C PHE A 147 5.94 -6.92 -31.58
N ALA A 148 7.11 -7.54 -31.77
CA ALA A 148 8.38 -6.94 -31.35
C ALA A 148 8.68 -5.63 -32.09
N GLN A 149 8.36 -5.59 -33.39
CA GLN A 149 8.55 -4.38 -34.20
C GLN A 149 7.58 -3.27 -33.80
N LEU A 150 6.31 -3.63 -33.61
CA LEU A 150 5.29 -2.68 -33.18
C LEU A 150 5.58 -2.12 -31.77
N ALA A 151 6.25 -2.91 -30.93
CA ALA A 151 6.78 -2.43 -29.66
C ALA A 151 7.96 -1.48 -29.87
N LYS A 152 8.95 -1.93 -30.65
CA LYS A 152 10.16 -1.14 -30.93
C LYS A 152 9.89 0.26 -31.51
N ASP A 153 8.89 0.36 -32.38
CA ASP A 153 8.54 1.64 -33.01
C ASP A 153 7.69 2.54 -32.10
N ASN A 154 6.68 1.96 -31.45
CA ASN A 154 5.60 2.72 -30.79
C ASN A 154 5.62 2.77 -29.26
N SER A 155 6.29 1.81 -28.60
CA SER A 155 6.19 1.68 -27.14
C SER A 155 6.91 2.80 -26.38
N THR A 156 6.17 3.47 -25.49
CA THR A 156 6.71 4.51 -24.60
C THR A 156 7.61 3.93 -23.51
N ASP A 157 7.32 2.71 -23.06
CA ASP A 157 8.14 2.05 -22.05
C ASP A 157 9.51 1.74 -22.66
N GLU A 158 10.49 2.60 -22.37
CA GLU A 158 11.84 2.48 -22.91
C GLU A 158 12.60 1.26 -22.38
N LYS A 159 12.20 0.74 -21.21
CA LYS A 159 12.80 -0.47 -20.64
C LYS A 159 12.50 -1.70 -21.48
N THR A 160 11.22 -1.88 -21.82
CA THR A 160 10.77 -3.02 -22.63
C THR A 160 11.05 -2.86 -24.13
N LYS A 161 11.05 -1.62 -24.62
CA LYS A 161 11.24 -1.32 -26.05
C LYS A 161 12.51 -1.92 -26.67
N GLU A 162 13.59 -1.96 -25.88
CA GLU A 162 14.90 -2.44 -26.36
C GLU A 162 14.91 -3.93 -26.73
N ASN A 163 14.19 -4.74 -25.96
CA ASN A 163 14.14 -6.20 -26.16
C ASN A 163 12.84 -6.65 -26.88
N GLY A 164 12.32 -5.81 -27.78
CA GLY A 164 11.09 -6.10 -28.52
C GLY A 164 9.84 -6.16 -27.65
N GLY A 165 9.79 -5.30 -26.64
CA GLY A 165 8.65 -5.25 -25.71
C GLY A 165 8.56 -6.36 -24.67
N GLU A 166 9.51 -7.31 -24.68
CA GLU A 166 9.38 -8.55 -23.91
C GLU A 166 9.57 -8.35 -22.41
N ILE A 167 8.86 -9.16 -21.62
CA ILE A 167 8.97 -9.14 -20.16
C ILE A 167 8.42 -10.44 -19.57
N THR A 168 9.04 -10.89 -18.46
CA THR A 168 8.58 -12.04 -17.68
C THR A 168 8.08 -11.53 -16.32
N PHE A 169 6.98 -12.12 -15.81
CA PHE A 169 6.43 -11.73 -14.51
C PHE A 169 5.51 -12.78 -13.86
N ASP A 170 5.47 -12.76 -12.53
CA ASP A 170 4.51 -13.52 -11.73
C ASP A 170 3.22 -12.72 -11.61
N SER A 171 2.24 -13.31 -10.90
CA SER A 171 1.11 -12.55 -10.37
C SER A 171 1.55 -11.53 -9.33
N ALA A 172 2.60 -11.86 -8.57
CA ALA A 172 3.13 -11.00 -7.51
C ALA A 172 4.07 -9.87 -7.96
N SER A 173 4.32 -9.74 -9.26
CA SER A 173 5.17 -8.66 -9.78
C SER A 173 4.51 -7.28 -9.62
N THR A 174 5.22 -6.38 -8.92
CA THR A 174 4.83 -4.97 -8.81
C THR A 174 5.40 -4.12 -9.97
N GLU A 175 6.23 -4.72 -10.82
CA GLU A 175 6.79 -4.05 -12.00
C GLU A 175 5.76 -3.84 -13.12
N VAL A 176 4.67 -4.61 -13.12
CA VAL A 176 3.61 -4.53 -14.12
C VAL A 176 2.28 -4.18 -13.43
N PRO A 177 1.42 -3.34 -14.06
CA PRO A 177 0.15 -3.00 -13.40
C PRO A 177 -0.83 -4.18 -13.27
N GLU A 178 -1.71 -4.12 -12.27
CA GLU A 178 -2.63 -5.22 -11.94
C GLU A 178 -3.51 -5.63 -13.12
N GLN A 179 -4.12 -4.63 -13.77
CA GLN A 179 -4.98 -4.87 -14.94
C GLN A 179 -4.22 -5.37 -16.19
N VAL A 180 -2.92 -5.09 -16.28
CA VAL A 180 -2.09 -5.63 -17.35
C VAL A 180 -1.77 -7.10 -17.10
N LYS A 181 -1.51 -7.44 -15.83
CA LYS A 181 -1.24 -8.83 -15.42
C LYS A 181 -2.46 -9.71 -15.60
N LYS A 182 -3.61 -9.27 -15.07
CA LYS A 182 -4.84 -10.05 -15.17
C LYS A 182 -5.28 -10.25 -16.62
N ALA A 183 -5.12 -9.22 -17.45
CA ALA A 183 -5.40 -9.32 -18.88
C ALA A 183 -4.50 -10.34 -19.58
N ALA A 184 -3.22 -10.37 -19.20
CA ALA A 184 -2.24 -11.31 -19.78
C ALA A 184 -2.53 -12.77 -19.40
N PHE A 185 -2.90 -13.01 -18.15
CA PHE A 185 -3.20 -14.38 -17.68
C PHE A 185 -4.49 -14.95 -18.31
N ALA A 186 -5.40 -14.08 -18.74
CA ALA A 186 -6.63 -14.47 -19.43
C ALA A 186 -6.44 -14.81 -20.90
N LEU A 187 -5.32 -14.39 -21.49
CA LEU A 187 -5.01 -14.74 -22.89
C LEU A 187 -4.56 -16.19 -23.04
N ASP A 188 -4.73 -16.72 -24.24
CA ASP A 188 -4.04 -17.94 -24.67
C ASP A 188 -2.70 -17.54 -25.28
N VAL A 189 -1.84 -18.52 -25.54
CA VAL A 189 -0.50 -18.26 -26.08
C VAL A 189 -0.63 -17.72 -27.51
N ASP A 190 0.24 -16.76 -27.85
CA ASP A 190 0.17 -15.98 -29.09
C ASP A 190 -1.15 -15.19 -29.24
N GLY A 191 -1.73 -14.77 -28.11
CA GLY A 191 -2.99 -14.04 -28.08
C GLY A 191 -2.75 -12.58 -27.75
N VAL A 192 -3.47 -11.69 -28.42
CA VAL A 192 -3.29 -10.24 -28.28
C VAL A 192 -4.50 -9.64 -27.55
N SER A 193 -4.24 -8.90 -26.47
CA SER A 193 -5.28 -8.22 -25.71
C SER A 193 -5.77 -6.99 -26.47
N ASP A 194 -6.95 -6.50 -26.06
CA ASP A 194 -7.43 -5.18 -26.46
C ASP A 194 -6.70 -4.12 -25.61
N VAL A 195 -7.06 -2.85 -25.76
CA VAL A 195 -6.40 -1.77 -25.01
C VAL A 195 -6.74 -1.88 -23.51
N ILE A 196 -5.69 -1.94 -22.69
CA ILE A 196 -5.79 -1.89 -21.24
C ILE A 196 -5.46 -0.46 -20.84
N THR A 197 -6.13 0.05 -19.81
CA THR A 197 -6.00 1.44 -19.41
C THR A 197 -5.64 1.58 -17.93
N ALA A 198 -4.48 2.19 -17.66
CA ALA A 198 -4.14 2.69 -16.33
C ALA A 198 -4.65 4.13 -16.29
N THR A 199 -5.73 4.35 -15.53
CA THR A 199 -6.49 5.61 -15.60
C THR A 199 -5.72 6.83 -15.06
N GLY A 200 -6.19 8.02 -15.43
CA GLY A 200 -5.55 9.28 -15.07
C GLY A 200 -5.72 9.64 -13.60
N THR A 201 -4.64 9.51 -12.83
CA THR A 201 -4.62 9.84 -11.39
C THR A 201 -3.65 11.01 -11.13
N GLN A 202 -3.47 11.39 -9.87
CA GLN A 202 -2.60 12.53 -9.50
C GLN A 202 -1.11 12.29 -9.76
N ALA A 203 -0.62 11.10 -9.42
CA ALA A 203 0.80 10.74 -9.58
C ALA A 203 1.22 10.53 -11.04
N TYR A 204 0.49 9.67 -11.74
CA TYR A 204 0.79 9.29 -13.12
C TYR A 204 -0.34 9.74 -14.04
N SER A 205 0.01 10.13 -15.26
CA SER A 205 -0.97 10.40 -16.30
C SER A 205 -1.45 9.07 -16.89
N SER A 206 -2.58 9.09 -17.60
CA SER A 206 -3.21 7.86 -18.05
C SER A 206 -2.39 7.16 -19.14
N GLN A 207 -2.11 5.87 -18.92
CA GLN A 207 -1.33 5.05 -19.84
C GLN A 207 -2.22 3.98 -20.46
N TYR A 208 -1.84 3.53 -21.65
CA TYR A 208 -2.62 2.54 -22.40
C TYR A 208 -1.67 1.43 -22.85
N TYR A 209 -2.07 0.18 -22.61
CA TYR A 209 -1.22 -0.99 -22.85
C TYR A 209 -1.86 -1.96 -23.83
N ILE A 210 -1.02 -2.63 -24.61
CA ILE A 210 -1.43 -3.76 -25.46
C ILE A 210 -0.48 -4.89 -25.12
N VAL A 211 -1.03 -6.06 -24.77
CA VAL A 211 -0.24 -7.21 -24.32
C VAL A 211 -0.32 -8.35 -25.34
N LYS A 212 0.81 -9.02 -25.54
CA LYS A 212 0.93 -10.20 -26.40
C LYS A 212 1.57 -11.31 -25.57
N LEU A 213 0.80 -12.35 -25.24
CA LEU A 213 1.34 -13.48 -24.47
C LEU A 213 2.23 -14.35 -25.36
N THR A 214 3.46 -14.60 -24.88
CA THR A 214 4.46 -15.38 -25.61
C THR A 214 4.61 -16.79 -24.98
N LYS A 215 4.79 -16.84 -23.67
CA LYS A 215 4.98 -18.11 -22.94
C LYS A 215 4.22 -18.09 -21.61
N LYS A 216 3.79 -19.28 -21.18
CA LYS A 216 3.05 -19.44 -19.92
C LYS A 216 3.52 -20.71 -19.22
N THR A 217 3.98 -20.58 -17.98
CA THR A 217 4.36 -21.73 -17.17
C THR A 217 3.10 -22.47 -16.72
N GLU A 218 3.15 -23.80 -16.76
CA GLU A 218 2.06 -24.64 -16.26
C GLU A 218 2.19 -24.70 -14.74
N LYS A 219 1.12 -24.35 -14.04
CA LYS A 219 1.12 -24.28 -12.58
C LYS A 219 1.25 -25.68 -11.95
N SER A 220 2.36 -25.91 -11.24
CA SER A 220 2.65 -27.19 -10.60
C SER A 220 1.65 -27.56 -9.49
N SER A 221 1.63 -28.84 -9.16
CA SER A 221 0.83 -29.39 -8.06
C SER A 221 1.57 -29.31 -6.72
N ASN A 222 2.91 -29.32 -6.76
CA ASN A 222 3.73 -29.28 -5.55
C ASN A 222 4.02 -27.83 -5.14
N ILE A 223 3.59 -27.46 -3.93
CA ILE A 223 3.82 -26.12 -3.39
C ILE A 223 5.30 -25.76 -3.26
N ASP A 224 6.14 -26.75 -2.94
CA ASP A 224 7.59 -26.54 -2.76
C ASP A 224 8.32 -25.98 -3.99
N ASP A 225 7.75 -26.13 -5.17
CA ASP A 225 8.28 -25.50 -6.40
C ASP A 225 8.20 -23.96 -6.37
N TYR A 226 7.25 -23.41 -5.62
CA TYR A 226 7.08 -21.95 -5.47
C TYR A 226 7.22 -21.42 -4.03
N LYS A 227 7.58 -22.28 -3.08
CA LYS A 227 7.63 -21.96 -1.64
C LYS A 227 8.32 -20.63 -1.32
N GLU A 228 9.47 -20.39 -1.96
CA GLU A 228 10.27 -19.19 -1.71
C GLU A 228 9.61 -17.89 -2.20
N LYS A 229 9.04 -17.93 -3.40
CA LYS A 229 8.31 -16.78 -3.94
C LYS A 229 7.03 -16.50 -3.14
N LEU A 230 6.38 -17.55 -2.65
CA LEU A 230 5.21 -17.40 -1.77
C LEU A 230 5.58 -16.91 -0.38
N LYS A 231 6.75 -17.34 0.11
CA LYS A 231 7.28 -16.87 1.39
C LYS A 231 7.55 -15.36 1.38
N THR A 232 8.16 -14.86 0.30
CA THR A 232 8.52 -13.43 0.20
C THR A 232 7.30 -12.50 0.12
N VAL A 233 6.26 -12.91 -0.62
CA VAL A 233 5.05 -12.09 -0.77
C VAL A 233 4.23 -12.00 0.52
N ILE A 234 4.21 -13.07 1.30
CA ILE A 234 3.55 -13.07 2.62
C ILE A 234 4.34 -12.21 3.62
N LEU A 235 5.67 -12.26 3.55
CA LEU A 235 6.53 -11.51 4.47
C LEU A 235 6.54 -10.00 4.16
N THR A 236 6.68 -9.64 2.90
CA THR A 236 6.65 -8.22 2.48
C THR A 236 5.29 -7.55 2.72
N GLN A 237 4.21 -8.33 2.73
CA GLN A 237 2.89 -7.84 3.10
C GLN A 237 2.88 -7.40 4.57
N LYS A 238 3.33 -8.29 5.45
CA LYS A 238 3.43 -8.02 6.90
C LYS A 238 4.44 -6.91 7.21
N GLN A 239 5.48 -6.80 6.38
CA GLN A 239 6.49 -5.74 6.49
C GLN A 239 5.90 -4.34 6.25
N ASN A 240 4.97 -4.25 5.30
CA ASN A 240 4.29 -2.98 4.95
C ASN A 240 2.97 -2.73 5.70
N ASP A 241 2.59 -3.64 6.61
CA ASP A 241 1.42 -3.44 7.48
C ASP A 241 1.83 -2.66 8.73
N SER A 242 1.36 -1.42 8.81
CA SER A 242 1.69 -0.54 9.94
C SER A 242 1.18 -1.05 11.28
N THR A 243 0.00 -1.68 11.26
CA THR A 243 -0.59 -2.27 12.47
C THR A 243 0.29 -3.40 13.02
N PHE A 244 0.82 -4.22 12.12
CA PHE A 244 1.69 -5.34 12.49
C PHE A 244 3.02 -4.85 13.08
N VAL A 245 3.66 -3.89 12.42
CA VAL A 245 4.94 -3.33 12.86
C VAL A 245 4.80 -2.71 14.26
N GLN A 246 3.73 -1.93 14.44
CA GLN A 246 3.40 -1.31 15.73
C GLN A 246 3.20 -2.33 16.84
N SER A 247 2.56 -3.46 16.52
CA SER A 247 2.34 -4.54 17.49
C SER A 247 3.66 -5.18 17.92
N ILE A 248 4.58 -5.39 16.98
CA ILE A 248 5.91 -5.93 17.28
C ILE A 248 6.70 -4.95 18.15
N ILE A 249 6.67 -3.67 17.79
CA ILE A 249 7.30 -2.61 18.61
C ILE A 249 6.71 -2.66 20.02
N GLY A 250 5.39 -2.69 20.10
CA GLY A 250 4.67 -2.80 21.37
C GLY A 250 5.01 -4.04 22.18
N LYS A 251 5.15 -5.17 21.51
CA LYS A 251 5.59 -6.42 22.15
C LYS A 251 7.00 -6.30 22.69
N GLU A 252 7.90 -5.78 21.85
CA GLU A 252 9.31 -5.62 22.24
C GLU A 252 9.50 -4.62 23.39
N LEU A 253 8.73 -3.52 23.36
CA LEU A 253 8.74 -2.54 24.46
C LEU A 253 8.16 -3.13 25.76
N GLN A 254 7.10 -3.93 25.65
CA GLN A 254 6.55 -4.67 26.80
C GLN A 254 7.55 -5.66 27.41
N ALA A 255 8.37 -6.28 26.56
CA ALA A 255 9.41 -7.22 27.00
C ALA A 255 10.55 -6.53 27.76
N ALA A 256 10.83 -5.27 27.41
CA ALA A 256 11.84 -4.46 28.12
C ALA A 256 11.43 -4.05 29.53
N ASN A 257 10.13 -4.13 29.85
CA ASN A 257 9.59 -3.71 31.16
C ASN A 257 9.97 -2.26 31.45
N ILE A 258 9.35 -1.36 30.69
CA ILE A 258 9.67 0.05 30.71
C ILE A 258 8.82 0.76 31.78
N LYS A 259 9.49 1.47 32.69
CA LYS A 259 8.81 2.31 33.68
C LYS A 259 8.97 3.78 33.28
N VAL A 260 7.87 4.41 32.90
CA VAL A 260 7.86 5.83 32.54
C VAL A 260 7.82 6.64 33.83
N LYS A 261 8.94 7.31 34.15
CA LYS A 261 9.09 8.03 35.41
C LYS A 261 8.27 9.32 35.42
N ASP A 262 8.43 10.14 34.38
CA ASP A 262 7.75 11.43 34.27
C ASP A 262 6.36 11.27 33.68
N GLN A 263 5.35 11.80 34.36
CA GLN A 263 3.93 11.64 33.99
C GLN A 263 3.57 12.26 32.63
N ALA A 264 4.30 13.29 32.22
CA ALA A 264 4.06 13.97 30.93
C ALA A 264 4.11 13.03 29.71
N PHE A 265 4.97 12.01 29.77
CA PHE A 265 5.11 11.07 28.65
C PHE A 265 4.23 9.82 28.72
N GLN A 266 3.45 9.66 29.80
CA GLN A 266 2.66 8.44 30.04
C GLN A 266 1.67 8.08 28.92
N ASN A 267 1.02 9.10 28.35
CA ASN A 267 0.01 8.90 27.30
C ASN A 267 0.57 8.42 25.96
N ILE A 268 1.76 8.91 25.58
CA ILE A 268 2.37 8.50 24.30
C ILE A 268 2.88 7.06 24.32
N PHE A 269 3.17 6.54 25.52
CA PHE A 269 3.53 5.13 25.72
C PHE A 269 2.32 4.19 25.88
N THR A 270 1.12 4.74 26.10
CA THR A 270 -0.09 3.92 26.34
C THR A 270 -0.52 3.11 25.12
N GLN A 271 -0.29 3.64 23.91
CA GLN A 271 -0.52 2.88 22.67
C GLN A 271 0.29 1.58 22.57
N TYR A 272 1.49 1.57 23.15
CA TYR A 272 2.34 0.38 23.18
C TYR A 272 2.18 -0.41 24.49
N ILE A 273 2.36 0.28 25.61
CA ILE A 273 2.25 -0.33 26.95
C ILE A 273 0.89 0.01 27.57
N ALA B 2 -30.09 -33.38 -7.58
CA ALA B 2 -30.02 -33.42 -9.08
C ALA B 2 -28.76 -34.13 -9.59
N ASP B 3 -28.75 -34.40 -10.90
CA ASP B 3 -27.61 -35.02 -11.57
C ASP B 3 -26.92 -33.98 -12.45
N LEU B 4 -25.60 -34.07 -12.53
CA LEU B 4 -24.77 -33.14 -13.28
C LEU B 4 -24.26 -33.75 -14.58
N ILE B 5 -23.80 -34.99 -14.51
CA ILE B 5 -23.40 -35.78 -15.67
C ILE B 5 -24.13 -37.11 -15.64
N SER B 6 -24.61 -37.55 -16.81
CA SER B 6 -25.12 -38.92 -16.97
C SER B 6 -24.35 -39.60 -18.09
N MET B 7 -24.24 -40.93 -17.98
CA MET B 7 -23.55 -41.76 -18.96
C MET B 7 -24.23 -43.15 -18.99
N LYS B 8 -23.66 -44.10 -19.73
CA LYS B 8 -24.21 -45.46 -19.78
C LYS B 8 -24.25 -46.11 -18.40
N GLY B 9 -25.45 -46.21 -17.84
CA GLY B 9 -25.67 -46.88 -16.55
C GLY B 9 -25.06 -46.21 -15.33
N ASP B 10 -24.86 -44.90 -15.39
CA ASP B 10 -24.34 -44.16 -14.24
C ASP B 10 -24.58 -42.65 -14.35
N VAL B 11 -24.54 -41.98 -13.19
CA VAL B 11 -24.57 -40.52 -13.12
C VAL B 11 -23.55 -40.02 -12.11
N ILE B 12 -23.01 -38.82 -12.35
CA ILE B 12 -22.34 -38.03 -11.32
C ILE B 12 -23.41 -37.11 -10.75
N THR B 13 -23.71 -37.26 -9.46
CA THR B 13 -24.69 -36.41 -8.78
C THR B 13 -24.03 -35.15 -8.23
N GLU B 14 -24.86 -34.18 -7.87
CA GLU B 14 -24.41 -32.94 -7.27
C GLU B 14 -23.67 -33.17 -5.95
N HIS B 15 -24.21 -34.05 -5.11
N HIS B 15 -24.21 -34.05 -5.11
CA HIS B 15 -23.61 -34.34 -3.80
CA HIS B 15 -23.61 -34.35 -3.81
C HIS B 15 -22.24 -35.03 -3.93
C HIS B 15 -22.25 -35.04 -3.93
N GLN B 16 -22.11 -35.92 -4.92
CA GLN B 16 -20.81 -36.55 -5.23
C GLN B 16 -19.78 -35.55 -5.71
N PHE B 17 -20.23 -34.59 -6.53
CA PHE B 17 -19.41 -33.48 -6.95
C PHE B 17 -19.03 -32.58 -5.77
N TYR B 18 -19.99 -32.28 -4.89
CA TYR B 18 -19.71 -31.53 -3.66
C TYR B 18 -18.62 -32.22 -2.82
N GLU B 19 -18.76 -33.53 -2.62
CA GLU B 19 -17.80 -34.28 -1.79
C GLU B 19 -16.38 -34.28 -2.34
N GLN B 20 -16.22 -34.21 -3.66
CA GLN B 20 -14.89 -34.08 -4.28
C GLN B 20 -14.38 -32.64 -4.27
N VAL B 21 -15.26 -31.68 -4.60
CA VAL B 21 -14.85 -30.29 -4.76
C VAL B 21 -14.63 -29.54 -3.43
N LYS B 22 -15.22 -30.02 -2.34
CA LYS B 22 -15.06 -29.35 -1.02
C LYS B 22 -13.60 -29.19 -0.54
N ASN B 23 -12.74 -30.13 -0.95
CA ASN B 23 -11.30 -30.09 -0.61
C ASN B 23 -10.48 -29.18 -1.53
N ASN B 24 -11.05 -28.75 -2.65
CA ASN B 24 -10.37 -27.88 -3.60
C ASN B 24 -10.12 -26.52 -2.94
N PRO B 25 -8.85 -26.06 -2.90
CA PRO B 25 -8.54 -24.79 -2.22
C PRO B 25 -9.31 -23.58 -2.75
N SER B 26 -9.45 -23.51 -4.07
CA SER B 26 -10.16 -22.41 -4.73
C SER B 26 -11.64 -22.43 -4.39
N ALA B 27 -12.19 -23.64 -4.26
CA ALA B 27 -13.57 -23.83 -3.78
C ALA B 27 -13.74 -23.40 -2.31
N GLN B 28 -12.75 -23.72 -1.47
CA GLN B 28 -12.80 -23.32 -0.05
C GLN B 28 -12.85 -21.81 0.12
N GLN B 29 -12.19 -21.10 -0.79
CA GLN B 29 -12.21 -19.64 -0.82
C GLN B 29 -13.60 -19.12 -1.14
N VAL B 30 -14.32 -19.81 -2.03
CA VAL B 30 -15.68 -19.40 -2.44
C VAL B 30 -16.64 -19.43 -1.25
N LEU B 31 -16.60 -20.50 -0.46
CA LEU B 31 -17.44 -20.59 0.75
C LEU B 31 -17.11 -19.52 1.77
N LEU B 32 -15.82 -19.26 1.98
CA LEU B 32 -15.37 -18.22 2.88
C LEU B 32 -15.95 -16.87 2.45
N ASN B 33 -15.81 -16.56 1.16
CA ASN B 33 -16.36 -15.34 0.57
C ASN B 33 -17.88 -15.25 0.67
N MET B 34 -18.57 -16.38 0.49
CA MET B 34 -20.03 -16.43 0.69
C MET B 34 -20.40 -16.08 2.13
N THR B 35 -19.62 -16.60 3.08
CA THR B 35 -19.84 -16.37 4.51
C THR B 35 -19.56 -14.92 4.89
N ILE B 36 -18.47 -14.37 4.35
CA ILE B 36 -18.13 -12.96 4.55
C ILE B 36 -19.21 -12.04 3.93
N GLN B 37 -19.65 -12.37 2.71
CA GLN B 37 -20.71 -11.62 2.02
C GLN B 37 -22.02 -11.55 2.81
N LYS B 38 -22.45 -12.68 3.38
CA LYS B 38 -23.72 -12.74 4.12
C LYS B 38 -23.66 -11.98 5.45
N VAL B 39 -22.54 -12.09 6.16
CA VAL B 39 -22.40 -11.45 7.47
C VAL B 39 -22.28 -9.92 7.35
N PHE B 40 -21.45 -9.46 6.42
CA PHE B 40 -21.24 -8.02 6.23
C PHE B 40 -22.45 -7.29 5.61
N GLU B 41 -23.23 -8.01 4.79
CA GLU B 41 -24.51 -7.48 4.29
C GLU B 41 -25.51 -7.29 5.43
N LYS B 42 -25.59 -8.29 6.31
CA LYS B 42 -26.43 -8.27 7.52
C LYS B 42 -26.18 -7.05 8.40
N GLN B 43 -24.90 -6.69 8.58
CA GLN B 43 -24.48 -5.65 9.52
C GLN B 43 -24.30 -4.26 8.91
N TYR B 44 -23.77 -4.20 7.69
CA TYR B 44 -23.38 -2.93 7.07
C TYR B 44 -24.10 -2.62 5.76
N GLY B 45 -25.07 -3.45 5.38
CA GLY B 45 -25.75 -3.31 4.09
C GLY B 45 -26.62 -2.07 4.00
N SER B 46 -27.33 -1.77 5.09
CA SER B 46 -28.18 -0.57 5.18
C SER B 46 -27.41 0.74 5.01
N GLU B 47 -26.17 0.79 5.51
CA GLU B 47 -25.36 2.01 5.45
C GLU B 47 -24.78 2.26 4.07
N LEU B 48 -24.25 1.22 3.45
CA LEU B 48 -23.65 1.31 2.11
C LEU B 48 -24.67 1.79 1.08
N ASP B 49 -24.30 2.80 0.29
CA ASP B 49 -25.11 3.26 -0.84
C ASP B 49 -24.69 2.52 -2.11
N ASP B 50 -25.67 2.17 -2.94
CA ASP B 50 -25.44 1.36 -4.15
C ASP B 50 -24.61 2.08 -5.24
N LYS B 51 -24.58 3.41 -5.21
CA LYS B 51 -23.96 4.21 -6.28
C LYS B 51 -22.43 4.07 -6.34
N GLU B 52 -21.75 4.01 -5.20
CA GLU B 52 -20.28 3.87 -5.18
C GLU B 52 -19.78 2.45 -5.49
N VAL B 53 -20.67 1.46 -5.43
CA VAL B 53 -20.37 0.12 -5.96
C VAL B 53 -20.36 0.19 -7.50
N ASP B 54 -21.32 0.95 -8.05
CA ASP B 54 -21.41 1.19 -9.49
C ASP B 54 -20.26 2.06 -10.04
N ASP B 55 -19.71 2.94 -9.19
CA ASP B 55 -18.52 3.73 -9.57
C ASP B 55 -17.27 2.86 -9.75
N THR B 56 -17.10 1.88 -8.86
CA THR B 56 -15.95 0.97 -8.91
C THR B 56 -15.99 0.02 -10.11
N ILE B 57 -17.17 -0.59 -10.36
CA ILE B 57 -17.33 -1.48 -11.51
C ILE B 57 -17.27 -0.71 -12.83
N ALA B 58 -17.64 0.57 -12.81
CA ALA B 58 -17.48 1.45 -13.97
C ALA B 58 -16.01 1.71 -14.26
N GLU B 59 -15.26 2.06 -13.21
CA GLU B 59 -13.81 2.27 -13.32
C GLU B 59 -13.11 0.98 -13.75
N GLU B 60 -13.50 -0.14 -13.16
CA GLU B 60 -12.94 -1.43 -13.52
C GLU B 60 -13.25 -1.83 -14.97
N LYS B 61 -14.43 -1.48 -15.46
CA LYS B 61 -14.81 -1.74 -16.85
C LYS B 61 -13.99 -0.88 -17.82
N LYS B 62 -13.65 0.35 -17.41
CA LYS B 62 -12.78 1.21 -18.21
C LYS B 62 -11.35 0.70 -18.30
N GLN B 63 -10.83 0.15 -17.20
CA GLN B 63 -9.45 -0.35 -17.16
C GLN B 63 -9.23 -1.48 -18.17
N TYR B 64 -10.02 -2.53 -18.05
CA TYR B 64 -9.93 -3.68 -18.96
C TYR B 64 -10.52 -3.39 -20.33
N GLY B 65 -11.60 -2.60 -20.36
CA GLY B 65 -12.25 -2.23 -21.62
C GLY B 65 -12.93 -3.41 -22.28
N GLU B 66 -12.31 -3.92 -23.35
CA GLU B 66 -12.83 -5.06 -24.11
C GLU B 66 -12.17 -6.39 -23.70
N ASN B 67 -11.28 -6.36 -22.72
CA ASN B 67 -10.75 -7.57 -22.08
C ASN B 67 -11.61 -8.02 -20.89
N TYR B 68 -12.62 -7.25 -20.51
CA TYR B 68 -13.33 -7.45 -19.24
C TYR B 68 -14.07 -8.79 -19.19
N GLN B 69 -14.83 -9.11 -20.24
CA GLN B 69 -15.52 -10.40 -20.31
C GLN B 69 -14.54 -11.59 -20.32
N ARG B 70 -13.42 -11.42 -21.01
CA ARG B 70 -12.36 -12.43 -21.07
C ARG B 70 -11.69 -12.64 -19.70
N VAL B 71 -11.37 -11.54 -19.02
CA VAL B 71 -10.79 -11.56 -17.67
C VAL B 71 -11.79 -12.10 -16.63
N LEU B 72 -13.06 -11.72 -16.75
CA LEU B 72 -14.13 -12.26 -15.90
C LEU B 72 -14.30 -13.77 -16.06
N SER B 73 -14.26 -14.24 -17.31
CA SER B 73 -14.38 -15.68 -17.60
C SER B 73 -13.20 -16.49 -17.05
N GLN B 74 -11.99 -15.90 -17.09
CA GLN B 74 -10.80 -16.49 -16.46
C GLN B 74 -11.01 -16.73 -14.95
N ALA B 75 -11.65 -15.77 -14.28
CA ALA B 75 -11.94 -15.86 -12.86
C ALA B 75 -13.18 -16.72 -12.53
N GLY B 76 -13.95 -17.09 -13.55
CA GLY B 76 -15.15 -17.90 -13.38
C GLY B 76 -16.27 -17.07 -12.84
N MET B 77 -16.53 -15.95 -13.52
CA MET B 77 -17.48 -14.94 -13.05
C MET B 77 -18.16 -14.23 -14.22
N THR B 78 -19.29 -13.59 -13.88
CA THR B 78 -20.01 -12.73 -14.82
C THR B 78 -20.11 -11.32 -14.23
N LEU B 79 -20.71 -10.40 -14.98
CA LEU B 79 -20.82 -9.00 -14.57
C LEU B 79 -21.60 -8.86 -13.26
N GLU B 80 -22.67 -9.64 -13.13
CA GLU B 80 -23.50 -9.69 -11.92
C GLU B 80 -22.73 -10.19 -10.69
N THR B 81 -22.07 -11.34 -10.82
CA THR B 81 -21.37 -11.97 -9.71
C THR B 81 -20.14 -11.16 -9.25
N ARG B 82 -19.54 -10.42 -10.20
CA ARG B 82 -18.43 -9.51 -9.87
C ARG B 82 -18.93 -8.26 -9.13
N LYS B 83 -20.09 -7.75 -9.57
CA LYS B 83 -20.72 -6.61 -8.89
C LYS B 83 -21.09 -6.97 -7.44
N ALA B 84 -21.48 -8.22 -7.20
CA ALA B 84 -21.71 -8.73 -5.84
C ALA B 84 -20.42 -8.80 -5.04
N GLN B 85 -19.35 -9.26 -5.69
CA GLN B 85 -18.03 -9.34 -5.06
C GLN B 85 -17.50 -7.96 -4.66
N ILE B 86 -17.65 -6.97 -5.55
CA ILE B 86 -17.24 -5.59 -5.26
C ILE B 86 -18.06 -5.02 -4.09
N ARG B 87 -19.36 -5.29 -4.08
CA ARG B 87 -20.22 -4.86 -2.97
C ARG B 87 -19.70 -5.36 -1.62
N THR B 88 -19.35 -6.65 -1.56
CA THR B 88 -18.74 -7.23 -0.37
C THR B 88 -17.45 -6.50 0.05
N SER B 89 -16.61 -6.14 -0.91
CA SER B 89 -15.37 -5.39 -0.64
C SER B 89 -15.64 -4.05 0.04
N LYS B 90 -16.65 -3.34 -0.47
CA LYS B 90 -17.06 -2.04 0.09
C LYS B 90 -17.69 -2.14 1.47
N LEU B 91 -18.39 -3.24 1.74
CA LEU B 91 -18.92 -3.51 3.08
C LEU B 91 -17.82 -3.79 4.09
N VAL B 92 -16.77 -4.50 3.67
CA VAL B 92 -15.60 -4.72 4.51
C VAL B 92 -14.83 -3.41 4.69
N GLU B 93 -14.60 -2.70 3.57
CA GLU B 93 -13.98 -1.35 3.61
C GLU B 93 -14.70 -0.40 4.57
N LEU B 94 -16.03 -0.46 4.55
CA LEU B 94 -16.87 0.40 5.40
C LEU B 94 -16.70 0.06 6.89
N ALA B 95 -16.80 -1.22 7.22
CA ALA B 95 -16.58 -1.69 8.58
C ALA B 95 -15.18 -1.37 9.10
N VAL B 96 -14.17 -1.57 8.25
CA VAL B 96 -12.77 -1.23 8.56
C VAL B 96 -12.61 0.28 8.87
N LYS B 97 -13.28 1.12 8.07
CA LYS B 97 -13.28 2.57 8.27
C LYS B 97 -13.88 2.98 9.61
N LYS B 98 -14.98 2.34 10.01
CA LYS B 98 -15.62 2.62 11.30
C LYS B 98 -14.72 2.30 12.49
N VAL B 99 -14.14 1.10 12.47
CA VAL B 99 -13.27 0.65 13.57
C VAL B 99 -11.99 1.49 13.62
N ALA B 100 -11.49 1.90 12.45
CA ALA B 100 -10.38 2.85 12.37
C ALA B 100 -10.77 4.24 12.91
N GLU B 101 -11.96 4.71 12.55
CA GLU B 101 -12.52 5.96 13.11
C GLU B 101 -12.65 5.88 14.64
N ALA B 102 -13.19 4.76 15.13
CA ALA B 102 -13.39 4.53 16.57
C ALA B 102 -12.08 4.45 17.37
N GLU B 103 -11.04 3.88 16.76
CA GLU B 103 -9.73 3.75 17.42
C GLU B 103 -8.82 4.98 17.28
N LEU B 104 -9.30 6.05 16.61
CA LEU B 104 -8.56 7.32 16.59
C LEU B 104 -8.40 7.84 18.01
N THR B 105 -7.15 7.98 18.43
CA THR B 105 -6.80 8.58 19.71
C THR B 105 -6.29 10.00 19.48
N ASP B 106 -6.12 10.74 20.58
CA ASP B 106 -5.50 12.06 20.53
C ASP B 106 -4.03 11.98 20.13
N GLU B 107 -3.37 10.89 20.53
CA GLU B 107 -1.94 10.68 20.23
C GLU B 107 -1.67 10.45 18.74
N ALA B 108 -2.54 9.69 18.08
CA ALA B 108 -2.44 9.49 16.63
C ALA B 108 -2.65 10.81 15.86
N TYR B 109 -3.57 11.64 16.34
CA TYR B 109 -3.78 12.97 15.76
C TYR B 109 -2.58 13.88 15.99
N LYS B 110 -2.11 13.94 17.24
CA LYS B 110 -0.90 14.67 17.61
C LYS B 110 0.31 14.31 16.73
N LYS B 111 0.52 13.00 16.56
CA LYS B 111 1.61 12.47 15.75
C LYS B 111 1.44 12.84 14.28
N ALA B 112 0.24 12.64 13.75
CA ALA B 112 -0.07 12.99 12.36
C ALA B 112 0.01 14.50 12.12
N PHE B 113 -0.43 15.29 13.10
CA PHE B 113 -0.32 16.74 13.05
C PHE B 113 1.15 17.20 12.97
N ASP B 114 1.96 16.65 13.87
CA ASP B 114 3.40 16.98 13.94
C ASP B 114 4.12 16.69 12.62
N GLU B 115 3.85 15.51 12.05
CA GLU B 115 4.44 15.10 10.77
C GLU B 115 3.85 15.82 9.54
N TYR B 116 2.70 16.48 9.70
CA TYR B 116 2.04 17.17 8.60
C TYR B 116 2.60 18.57 8.36
N THR B 117 2.70 18.93 7.07
CA THR B 117 3.15 20.24 6.63
C THR B 117 2.09 20.75 5.65
N PRO B 118 1.46 21.92 5.91
CA PRO B 118 0.37 22.39 5.04
C PRO B 118 0.82 22.78 3.63
N ASP B 119 -0.16 23.07 2.78
CA ASP B 119 0.07 23.29 1.34
C ASP B 119 1.18 24.29 1.09
N VAL B 120 2.12 23.92 0.23
CA VAL B 120 3.09 24.86 -0.36
C VAL B 120 2.83 24.90 -1.87
N THR B 121 3.23 25.98 -2.50
CA THR B 121 3.17 26.13 -3.96
C THR B 121 4.58 26.24 -4.49
N ALA B 122 4.87 25.48 -5.55
CA ALA B 122 6.23 25.43 -6.11
C ALA B 122 6.21 25.22 -7.61
N GLN B 123 7.38 25.30 -8.22
CA GLN B 123 7.57 24.99 -9.62
C GLN B 123 8.60 23.88 -9.74
N ILE B 124 8.22 22.77 -10.39
CA ILE B 124 9.10 21.61 -10.56
C ILE B 124 9.48 21.39 -12.02
N ILE B 125 10.73 21.00 -12.23
CA ILE B 125 11.23 20.53 -13.52
C ILE B 125 11.66 19.08 -13.32
N ARG B 126 11.10 18.17 -14.11
CA ARG B 126 11.50 16.76 -14.05
C ARG B 126 12.35 16.41 -15.26
N LEU B 127 13.42 15.64 -15.03
CA LEU B 127 14.35 15.22 -16.09
C LEU B 127 14.71 13.75 -15.99
N ASN B 128 14.89 13.12 -17.15
CA ASN B 128 15.33 11.72 -17.23
C ASN B 128 16.84 11.57 -17.04
N ASN B 129 17.60 12.53 -17.59
CA ASN B 129 19.06 12.52 -17.52
C ASN B 129 19.57 13.37 -16.36
N GLU B 130 20.47 12.82 -15.56
CA GLU B 130 21.09 13.58 -14.45
C GLU B 130 21.96 14.73 -14.96
N ASP B 131 22.76 14.48 -15.99
CA ASP B 131 23.65 15.52 -16.54
C ASP B 131 22.92 16.63 -17.31
N LYS B 132 21.71 16.37 -17.78
CA LYS B 132 20.84 17.44 -18.30
C LYS B 132 20.22 18.25 -17.16
N ALA B 133 19.87 17.57 -16.06
CA ALA B 133 19.36 18.24 -14.86
C ALA B 133 20.40 19.21 -14.27
N LYS B 134 21.67 18.80 -14.28
CA LYS B 134 22.76 19.67 -13.85
C LYS B 134 22.97 20.86 -14.79
N GLU B 135 22.84 20.62 -16.09
CA GLU B 135 22.88 21.70 -17.10
C GLU B 135 21.71 22.68 -16.96
N VAL B 136 20.52 22.17 -16.64
CA VAL B 136 19.35 23.02 -16.43
C VAL B 136 19.41 23.75 -15.07
N LEU B 137 20.03 23.14 -14.06
CA LEU B 137 20.14 23.76 -12.72
C LEU B 137 21.04 25.01 -12.72
N GLU B 138 22.15 24.98 -13.45
CA GLU B 138 23.04 26.16 -13.53
C GLU B 138 22.32 27.36 -14.16
N LYS B 139 21.38 27.10 -15.07
CA LYS B 139 20.53 28.14 -15.64
C LYS B 139 19.48 28.61 -14.62
N ALA B 140 18.85 27.64 -13.95
CA ALA B 140 17.76 27.91 -12.99
C ALA B 140 18.20 28.64 -11.72
N LYS B 141 19.38 28.29 -11.19
CA LYS B 141 19.89 28.89 -9.95
C LYS B 141 20.31 30.35 -10.09
N ALA B 142 20.75 30.74 -11.30
CA ALA B 142 21.13 32.12 -11.60
C ALA B 142 19.90 32.99 -11.83
N ALA B 145 16.66 34.37 -13.40
CA ALA B 145 16.30 33.38 -14.42
C ALA B 145 14.80 33.12 -14.47
N ASP B 146 14.27 32.85 -15.66
CA ASP B 146 12.85 32.56 -15.84
C ASP B 146 12.62 31.05 -15.64
N PHE B 147 12.15 30.69 -14.45
CA PHE B 147 12.01 29.28 -14.06
C PHE B 147 10.83 28.60 -14.78
N ALA B 148 9.76 29.35 -15.02
CA ALA B 148 8.59 28.84 -15.75
C ALA B 148 8.94 28.38 -17.17
N GLN B 149 9.71 29.20 -17.89
CA GLN B 149 10.14 28.84 -19.25
C GLN B 149 11.05 27.61 -19.29
N LEU B 150 12.01 27.55 -18.36
CA LEU B 150 12.91 26.39 -18.24
C LEU B 150 12.13 25.08 -18.06
N ALA B 151 11.07 25.12 -17.26
CA ALA B 151 10.16 23.97 -17.10
C ALA B 151 9.43 23.62 -18.41
N LYS B 152 8.88 24.63 -19.07
CA LYS B 152 8.16 24.42 -20.35
C LYS B 152 9.02 23.74 -21.42
N ASP B 153 10.30 24.11 -21.49
CA ASP B 153 11.22 23.63 -22.52
C ASP B 153 11.98 22.35 -22.14
N ASN B 154 12.25 22.14 -20.85
CA ASN B 154 13.03 20.98 -20.40
C ASN B 154 12.25 19.88 -19.67
N SER B 155 11.23 20.24 -18.88
CA SER B 155 10.55 19.27 -18.02
C SER B 155 9.83 18.16 -18.78
N THR B 156 9.89 16.95 -18.22
CA THR B 156 9.24 15.75 -18.76
C THR B 156 7.87 15.46 -18.14
N ASP B 157 7.57 16.05 -16.97
CA ASP B 157 6.28 15.87 -16.31
C ASP B 157 5.19 16.59 -17.13
N GLU B 158 4.36 15.82 -17.83
CA GLU B 158 3.35 16.36 -18.74
C GLU B 158 2.19 17.09 -18.02
N LYS B 159 1.99 16.80 -16.73
CA LYS B 159 0.94 17.43 -15.93
C LYS B 159 1.24 18.90 -15.59
N THR B 160 2.46 19.15 -15.10
CA THR B 160 2.88 20.48 -14.65
C THR B 160 3.58 21.32 -15.73
N LYS B 161 4.30 20.66 -16.64
CA LYS B 161 5.07 21.27 -17.75
C LYS B 161 4.46 22.53 -18.38
N GLU B 162 3.20 22.42 -18.81
CA GLU B 162 2.58 23.47 -19.64
C GLU B 162 2.33 24.78 -18.89
N ASN B 163 2.00 24.70 -17.61
CA ASN B 163 1.74 25.89 -16.78
C ASN B 163 2.97 26.25 -15.94
N GLY B 164 4.14 26.33 -16.60
CA GLY B 164 5.39 26.72 -15.95
C GLY B 164 5.95 25.80 -14.87
N GLY B 165 5.57 24.51 -14.93
CA GLY B 165 5.94 23.54 -13.89
C GLY B 165 5.27 23.74 -12.55
N GLU B 166 4.16 24.49 -12.54
CA GLU B 166 3.54 24.95 -11.31
C GLU B 166 2.78 23.81 -10.61
N ILE B 167 2.84 23.80 -9.28
CA ILE B 167 2.19 22.76 -8.46
C ILE B 167 2.01 23.21 -7.00
N THR B 168 0.86 22.85 -6.43
CA THR B 168 0.59 23.03 -5.00
C THR B 168 0.39 21.65 -4.36
N PHE B 169 1.03 21.42 -3.21
CA PHE B 169 0.94 20.15 -2.50
C PHE B 169 1.25 20.32 -1.02
N ASP B 170 0.79 19.36 -0.22
CA ASP B 170 1.16 19.25 1.20
C ASP B 170 1.95 17.95 1.42
N SER B 171 2.33 17.67 2.67
CA SER B 171 3.08 16.45 3.00
C SER B 171 2.35 15.15 2.63
N ALA B 172 1.02 15.15 2.75
CA ALA B 172 0.20 13.96 2.43
C ALA B 172 0.04 13.69 0.92
N SER B 173 0.44 14.64 0.08
CA SER B 173 0.33 14.52 -1.38
C SER B 173 1.06 13.31 -1.94
N THR B 174 0.37 12.56 -2.80
CA THR B 174 0.94 11.44 -3.55
C THR B 174 1.33 11.83 -4.99
N GLU B 175 1.08 13.08 -5.38
CA GLU B 175 1.39 13.56 -6.73
C GLU B 175 2.89 13.69 -6.97
N VAL B 176 3.63 14.04 -5.93
CA VAL B 176 5.05 14.36 -6.06
C VAL B 176 5.84 13.46 -5.10
N PRO B 177 7.08 13.06 -5.48
CA PRO B 177 7.81 12.12 -4.61
C PRO B 177 8.28 12.68 -3.27
N GLU B 178 8.47 11.80 -2.29
CA GLU B 178 8.87 12.13 -0.92
C GLU B 178 10.08 13.07 -0.87
N GLN B 179 11.11 12.78 -1.68
CA GLN B 179 12.35 13.56 -1.68
C GLN B 179 12.17 14.97 -2.22
N VAL B 180 11.24 15.13 -3.17
CA VAL B 180 10.92 16.45 -3.72
C VAL B 180 10.14 17.27 -2.68
N LYS B 181 9.16 16.65 -2.04
CA LYS B 181 8.38 17.29 -0.97
C LYS B 181 9.28 17.78 0.16
N LYS B 182 10.10 16.89 0.69
CA LYS B 182 11.00 17.20 1.80
C LYS B 182 11.98 18.31 1.41
N ALA B 183 12.55 18.21 0.21
CA ALA B 183 13.45 19.25 -0.31
C ALA B 183 12.75 20.59 -0.46
N ALA B 184 11.50 20.56 -0.91
CA ALA B 184 10.69 21.76 -1.13
C ALA B 184 10.33 22.47 0.18
N PHE B 185 9.91 21.71 1.19
CA PHE B 185 9.56 22.28 2.51
C PHE B 185 10.75 22.96 3.19
N ALA B 186 11.95 22.42 2.94
CA ALA B 186 13.19 22.95 3.51
C ALA B 186 13.72 24.20 2.80
N LEU B 187 13.20 24.52 1.62
CA LEU B 187 13.63 25.72 0.89
C LEU B 187 13.06 27.00 1.51
N ASP B 188 13.70 28.12 1.20
CA ASP B 188 13.14 29.46 1.41
C ASP B 188 12.43 29.90 0.15
N VAL B 189 11.55 30.90 0.30
CA VAL B 189 10.73 31.42 -0.80
C VAL B 189 11.63 31.96 -1.93
N ASP B 190 11.22 31.67 -3.17
CA ASP B 190 12.00 31.99 -4.38
C ASP B 190 13.36 31.25 -4.49
N GLY B 191 13.64 30.31 -3.59
CA GLY B 191 14.87 29.54 -3.61
C GLY B 191 14.76 28.36 -4.57
N VAL B 192 15.90 27.95 -5.13
CA VAL B 192 15.98 26.85 -6.08
C VAL B 192 16.77 25.71 -5.43
N SER B 193 16.24 24.50 -5.50
CA SER B 193 16.91 23.32 -4.92
C SER B 193 18.06 22.84 -5.80
N ASP B 194 18.91 21.98 -5.23
CA ASP B 194 19.85 21.18 -6.01
C ASP B 194 19.05 20.10 -6.76
N VAL B 195 19.70 19.35 -7.63
CA VAL B 195 19.06 18.21 -8.30
C VAL B 195 18.66 17.17 -7.24
N ILE B 196 17.36 16.88 -7.16
CA ILE B 196 16.83 15.81 -6.30
C ILE B 196 16.56 14.56 -7.15
N THR B 197 17.01 13.40 -6.66
CA THR B 197 16.81 12.11 -7.33
C THR B 197 15.76 11.29 -6.56
N ALA B 198 14.62 11.03 -7.19
CA ALA B 198 13.54 10.24 -6.59
C ALA B 198 13.69 8.77 -6.97
N THR B 199 13.48 7.88 -6.00
CA THR B 199 13.59 6.43 -6.18
C THR B 199 12.61 5.70 -5.26
N TYR B 204 10.17 1.98 -11.48
CA TYR B 204 10.90 1.24 -12.52
C TYR B 204 12.14 2.00 -13.01
N SER B 205 12.04 3.33 -13.06
CA SER B 205 13.08 4.21 -13.61
C SER B 205 13.24 5.46 -12.74
N SER B 206 14.46 5.74 -12.30
CA SER B 206 14.73 6.88 -11.42
C SER B 206 14.72 8.21 -12.18
N GLN B 207 14.19 9.25 -11.53
CA GLN B 207 13.95 10.57 -12.13
C GLN B 207 14.72 11.64 -11.38
N TYR B 208 14.90 12.80 -12.03
CA TYR B 208 15.66 13.91 -11.46
C TYR B 208 14.79 15.18 -11.45
N TYR B 209 14.95 16.00 -10.41
CA TYR B 209 14.03 17.12 -10.14
C TYR B 209 14.75 18.39 -9.71
N ILE B 210 14.27 19.53 -10.19
CA ILE B 210 14.69 20.86 -9.75
C ILE B 210 13.44 21.63 -9.30
N VAL B 211 13.44 22.09 -8.05
CA VAL B 211 12.27 22.71 -7.43
C VAL B 211 12.53 24.18 -7.12
N LYS B 212 11.58 25.04 -7.48
CA LYS B 212 11.58 26.47 -7.13
C LYS B 212 10.35 26.73 -6.25
N LEU B 213 10.56 27.21 -5.03
CA LEU B 213 9.45 27.47 -4.11
C LEU B 213 8.87 28.86 -4.36
N THR B 214 7.55 28.92 -4.60
CA THR B 214 6.84 30.17 -4.84
C THR B 214 6.25 30.72 -3.54
N LYS B 215 5.56 29.85 -2.80
CA LYS B 215 4.81 30.22 -1.60
C LYS B 215 4.86 29.10 -0.57
N LYS B 216 4.66 29.46 0.69
CA LYS B 216 4.60 28.50 1.79
C LYS B 216 3.54 28.94 2.80
N THR B 217 2.62 28.04 3.14
CA THR B 217 1.61 28.30 4.17
C THR B 217 2.23 28.17 5.57
N GLU B 218 1.86 29.07 6.48
CA GLU B 218 2.28 29.00 7.87
C GLU B 218 1.38 28.00 8.62
N LYS B 219 2.01 27.04 9.29
CA LYS B 219 1.30 25.99 10.03
C LYS B 219 0.68 26.53 11.31
N SER B 220 -0.65 26.46 11.41
CA SER B 220 -1.38 27.03 12.55
C SER B 220 -1.16 26.24 13.84
N SER B 221 -1.50 26.89 14.96
CA SER B 221 -1.35 26.29 16.29
C SER B 221 -2.41 25.21 16.52
N ASN B 222 -3.67 25.58 16.34
CA ASN B 222 -4.81 24.68 16.58
C ASN B 222 -4.89 23.51 15.58
N ILE B 223 -5.08 22.31 16.13
CA ILE B 223 -5.14 21.07 15.34
C ILE B 223 -6.41 20.94 14.49
N ASP B 224 -7.49 21.62 14.89
CA ASP B 224 -8.78 21.56 14.18
C ASP B 224 -8.72 22.09 12.73
N ASP B 225 -7.79 22.99 12.44
CA ASP B 225 -7.61 23.52 11.08
C ASP B 225 -7.28 22.46 10.04
N TYR B 226 -6.59 21.39 10.45
CA TYR B 226 -6.23 20.29 9.57
C TYR B 226 -6.82 18.95 10.03
N LYS B 227 -7.94 18.99 10.74
CA LYS B 227 -8.52 17.80 11.38
C LYS B 227 -8.83 16.69 10.37
N GLU B 228 -9.61 17.04 9.35
CA GLU B 228 -10.06 16.06 8.33
C GLU B 228 -8.93 15.60 7.42
N LYS B 229 -7.97 16.48 7.14
CA LYS B 229 -6.78 16.11 6.35
C LYS B 229 -5.92 15.07 7.09
N LEU B 230 -5.80 15.22 8.40
CA LEU B 230 -5.09 14.24 9.25
C LEU B 230 -5.90 12.98 9.49
N LYS B 231 -7.21 13.12 9.60
CA LYS B 231 -8.13 11.97 9.70
C LYS B 231 -8.00 11.07 8.46
N THR B 232 -7.98 11.69 7.27
CA THR B 232 -7.81 10.97 6.00
C THR B 232 -6.45 10.24 5.92
N VAL B 233 -5.39 10.89 6.39
CA VAL B 233 -4.06 10.28 6.44
C VAL B 233 -4.08 9.00 7.30
N ILE B 234 -4.71 9.08 8.47
CA ILE B 234 -4.71 7.99 9.44
C ILE B 234 -5.62 6.81 9.03
N LEU B 235 -6.78 7.12 8.44
CA LEU B 235 -7.72 6.07 8.01
C LEU B 235 -7.26 5.35 6.74
N THR B 236 -6.72 6.10 5.78
CA THR B 236 -6.17 5.52 4.53
C THR B 236 -5.03 4.53 4.80
N GLN B 237 -4.22 4.81 5.82
CA GLN B 237 -3.17 3.90 6.29
C GLN B 237 -3.75 2.59 6.83
N LYS B 238 -4.75 2.70 7.71
CA LYS B 238 -5.43 1.53 8.28
C LYS B 238 -6.23 0.71 7.25
N GLN B 239 -6.78 1.39 6.25
CA GLN B 239 -7.54 0.72 5.17
C GLN B 239 -6.69 -0.26 4.36
N ASN B 240 -5.39 0.06 4.21
CA ASN B 240 -4.46 -0.75 3.43
C ASN B 240 -3.65 -1.79 4.25
N ASP B 241 -3.77 -1.75 5.58
CA ASP B 241 -3.17 -2.78 6.44
C ASP B 241 -3.97 -4.07 6.35
N SER B 242 -3.41 -5.08 5.68
CA SER B 242 -4.04 -6.40 5.55
C SER B 242 -4.30 -7.03 6.92
N THR B 243 -3.32 -6.94 7.83
CA THR B 243 -3.47 -7.44 9.20
C THR B 243 -4.67 -6.82 9.92
N PHE B 244 -4.88 -5.52 9.69
CA PHE B 244 -6.02 -4.82 10.27
C PHE B 244 -7.32 -5.31 9.65
N VAL B 245 -7.39 -5.30 8.31
CA VAL B 245 -8.58 -5.75 7.57
C VAL B 245 -8.98 -7.17 7.99
N GLN B 246 -8.01 -8.09 8.00
CA GLN B 246 -8.27 -9.49 8.38
C GLN B 246 -8.71 -9.64 9.84
N SER B 247 -8.29 -8.72 10.70
CA SER B 247 -8.76 -8.69 12.10
C SER B 247 -10.22 -8.22 12.23
N ILE B 248 -10.62 -7.27 11.40
CA ILE B 248 -12.01 -6.79 11.36
C ILE B 248 -12.95 -7.87 10.82
N ILE B 249 -12.53 -8.54 9.74
CA ILE B 249 -13.26 -9.68 9.19
C ILE B 249 -13.45 -10.72 10.29
N GLY B 250 -12.36 -11.12 10.93
CA GLY B 250 -12.39 -12.08 12.02
C GLY B 250 -13.37 -11.74 13.14
N LYS B 251 -13.33 -10.50 13.61
CA LYS B 251 -14.21 -10.04 14.70
C LYS B 251 -15.67 -9.99 14.28
N GLU B 252 -15.94 -9.63 13.02
CA GLU B 252 -17.31 -9.60 12.51
C GLU B 252 -17.86 -11.03 12.35
N LEU B 253 -17.00 -11.97 11.95
CA LEU B 253 -17.38 -13.39 11.83
C LEU B 253 -17.66 -14.04 13.19
N GLN B 254 -16.88 -13.66 14.21
CA GLN B 254 -17.12 -14.13 15.58
C GLN B 254 -18.41 -13.56 16.19
N ALA B 255 -18.73 -12.32 15.85
CA ALA B 255 -19.98 -11.69 16.27
C ALA B 255 -21.22 -12.29 15.58
N ALA B 256 -21.02 -12.89 14.41
CA ALA B 256 -22.07 -13.63 13.70
C ALA B 256 -22.28 -15.07 14.23
N ASN B 257 -21.35 -15.55 15.06
CA ASN B 257 -21.47 -16.83 15.78
C ASN B 257 -21.50 -18.01 14.79
N ILE B 258 -20.47 -18.08 13.97
CA ILE B 258 -20.38 -19.07 12.92
C ILE B 258 -20.02 -20.45 13.47
N LYS B 259 -20.76 -21.47 13.00
CA LYS B 259 -20.40 -22.86 13.20
C LYS B 259 -20.14 -23.49 11.82
N VAL B 260 -18.90 -23.91 11.60
CA VAL B 260 -18.53 -24.63 10.38
C VAL B 260 -18.96 -26.08 10.57
N LYS B 261 -19.97 -26.52 9.81
CA LYS B 261 -20.59 -27.84 9.98
C LYS B 261 -19.79 -28.96 9.32
N ASP B 262 -19.23 -28.70 8.13
CA ASP B 262 -18.40 -29.66 7.41
C ASP B 262 -16.93 -29.45 7.79
N GLN B 263 -16.30 -30.51 8.29
CA GLN B 263 -14.90 -30.49 8.71
C GLN B 263 -13.92 -30.02 7.63
N ALA B 264 -14.23 -30.28 6.36
CA ALA B 264 -13.35 -29.92 5.25
C ALA B 264 -12.98 -28.43 5.18
N PHE B 265 -13.89 -27.55 5.61
CA PHE B 265 -13.66 -26.10 5.63
C PHE B 265 -13.13 -25.54 6.95
N GLN B 266 -12.91 -26.39 7.95
CA GLN B 266 -12.49 -25.94 9.29
C GLN B 266 -11.23 -25.09 9.28
N ASN B 267 -10.27 -25.46 8.43
CA ASN B 267 -8.93 -24.84 8.44
C ASN B 267 -8.90 -23.43 7.86
N ILE B 268 -9.66 -23.17 6.79
CA ILE B 268 -9.71 -21.82 6.19
C ILE B 268 -10.42 -20.81 7.11
N PHE B 269 -11.21 -21.32 8.05
CA PHE B 269 -11.88 -20.49 9.05
C PHE B 269 -11.09 -20.27 10.35
N THR B 270 -10.13 -21.14 10.70
CA THR B 270 -9.37 -21.00 11.96
C THR B 270 -8.61 -19.68 12.10
N GLN B 271 -8.16 -19.10 10.98
CA GLN B 271 -7.52 -17.77 11.00
C GLN B 271 -8.46 -16.67 11.55
N TYR B 272 -9.76 -16.83 11.33
CA TYR B 272 -10.78 -15.87 11.75
C TYR B 272 -11.47 -16.24 13.07
N ILE B 273 -11.90 -17.49 13.18
CA ILE B 273 -12.69 -17.96 14.35
C ILE B 273 -11.96 -19.05 15.15
N ALA C 2 -26.64 -31.15 4.99
CA ALA C 2 -27.16 -30.16 4.00
C ALA C 2 -26.65 -28.74 4.25
N ASP C 3 -26.53 -28.34 5.52
CA ASP C 3 -25.97 -27.04 5.89
C ASP C 3 -24.46 -27.13 6.12
N LEU C 4 -23.70 -26.31 5.40
CA LEU C 4 -22.24 -26.25 5.54
C LEU C 4 -21.82 -25.27 6.62
N ILE C 5 -22.42 -24.07 6.61
CA ILE C 5 -22.10 -23.01 7.54
C ILE C 5 -23.41 -22.49 8.13
N SER C 6 -23.42 -22.23 9.44
CA SER C 6 -24.55 -21.58 10.10
C SER C 6 -24.06 -20.34 10.82
N MET C 7 -24.90 -19.31 10.87
CA MET C 7 -24.60 -18.06 11.56
C MET C 7 -25.89 -17.48 12.13
N LYS C 8 -25.80 -16.34 12.83
CA LYS C 8 -27.00 -15.70 13.35
C LYS C 8 -27.95 -15.30 12.20
N GLY C 9 -29.15 -15.87 12.21
CA GLY C 9 -30.19 -15.51 11.24
C GLY C 9 -30.03 -16.07 9.83
N ASP C 10 -29.03 -16.93 9.61
CA ASP C 10 -28.73 -17.41 8.26
C ASP C 10 -27.97 -18.75 8.25
N VAL C 11 -28.00 -19.41 7.10
CA VAL C 11 -27.18 -20.58 6.82
C VAL C 11 -26.69 -20.52 5.37
N ILE C 12 -25.59 -21.21 5.09
CA ILE C 12 -25.19 -21.55 3.73
C ILE C 12 -25.42 -23.05 3.56
N THR C 13 -26.31 -23.42 2.63
CA THR C 13 -26.59 -24.82 2.32
C THR C 13 -25.59 -25.35 1.30
N GLU C 14 -25.53 -26.67 1.22
CA GLU C 14 -24.68 -27.37 0.26
C GLU C 14 -25.04 -26.99 -1.18
N HIS C 15 -26.33 -26.89 -1.48
N HIS C 15 -26.33 -26.88 -1.48
CA HIS C 15 -26.79 -26.51 -2.81
CA HIS C 15 -26.78 -26.51 -2.82
C HIS C 15 -26.47 -25.05 -3.16
C HIS C 15 -26.45 -25.05 -3.16
N GLN C 16 -26.59 -24.15 -2.18
CA GLN C 16 -26.18 -22.74 -2.34
C GLN C 16 -24.68 -22.65 -2.65
N PHE C 17 -23.88 -23.43 -1.92
CA PHE C 17 -22.46 -23.54 -2.20
C PHE C 17 -22.19 -24.04 -3.62
N TYR C 18 -22.90 -25.09 -4.04
CA TYR C 18 -22.77 -25.62 -5.40
C TYR C 18 -23.09 -24.58 -6.48
N GLU C 19 -24.19 -23.84 -6.30
CA GLU C 19 -24.63 -22.87 -7.31
C GLU C 19 -23.63 -21.73 -7.53
N GLN C 20 -22.89 -21.36 -6.48
CA GLN C 20 -21.81 -20.38 -6.60
C GLN C 20 -20.55 -21.00 -7.19
N VAL C 21 -20.14 -22.15 -6.66
CA VAL C 21 -18.85 -22.77 -7.01
C VAL C 21 -18.81 -23.42 -8.40
N LYS C 22 -19.97 -23.71 -9.01
CA LYS C 22 -20.02 -24.39 -10.32
C LYS C 22 -19.33 -23.61 -11.46
N ASN C 23 -19.34 -22.28 -11.36
CA ASN C 23 -18.68 -21.41 -12.35
C ASN C 23 -17.17 -21.28 -12.16
N ASN C 24 -16.66 -21.68 -10.99
CA ASN C 24 -15.23 -21.68 -10.70
C ASN C 24 -14.49 -22.65 -11.63
N PRO C 25 -13.46 -22.18 -12.38
CA PRO C 25 -12.79 -23.07 -13.34
C PRO C 25 -12.02 -24.24 -12.70
N SER C 26 -11.53 -24.04 -11.47
CA SER C 26 -10.90 -25.10 -10.69
C SER C 26 -11.92 -26.19 -10.33
N ALA C 27 -13.14 -25.77 -9.96
CA ALA C 27 -14.24 -26.71 -9.70
C ALA C 27 -14.75 -27.39 -10.98
N GLN C 28 -14.72 -26.68 -12.11
CA GLN C 28 -15.09 -27.28 -13.40
C GLN C 28 -14.12 -28.39 -13.84
N GLN C 29 -12.83 -28.20 -13.52
CA GLN C 29 -11.81 -29.20 -13.77
C GLN C 29 -12.08 -30.46 -12.95
N VAL C 30 -12.56 -30.31 -11.72
CA VAL C 30 -12.90 -31.45 -10.85
C VAL C 30 -14.01 -32.32 -11.45
N LEU C 31 -15.04 -31.70 -12.03
CA LEU C 31 -16.12 -32.46 -12.64
C LEU C 31 -15.66 -33.16 -13.91
N LEU C 32 -14.79 -32.51 -14.69
CA LEU C 32 -14.20 -33.14 -15.86
C LEU C 32 -13.37 -34.36 -15.47
N ASN C 33 -12.53 -34.22 -14.45
CA ASN C 33 -11.69 -35.32 -13.97
C ASN C 33 -12.50 -36.45 -13.33
N MET C 34 -13.57 -36.11 -12.61
CA MET C 34 -14.52 -37.11 -12.11
C MET C 34 -15.16 -37.91 -13.25
N THR C 35 -15.60 -37.22 -14.30
CA THR C 35 -16.19 -37.85 -15.49
C THR C 35 -15.21 -38.75 -16.25
N ILE C 36 -13.95 -38.31 -16.34
CA ILE C 36 -12.89 -39.13 -16.93
C ILE C 36 -12.64 -40.36 -16.04
N GLN C 37 -12.67 -40.18 -14.71
CA GLN C 37 -12.49 -41.32 -13.82
C GLN C 37 -13.60 -42.35 -13.99
N LYS C 38 -14.86 -41.93 -13.94
CA LYS C 38 -16.00 -42.87 -14.03
C LYS C 38 -16.03 -43.65 -15.34
N VAL C 39 -15.85 -42.94 -16.46
CA VAL C 39 -15.86 -43.53 -17.80
C VAL C 39 -14.73 -44.56 -17.96
N PHE C 40 -13.51 -44.16 -17.58
CA PHE C 40 -12.36 -45.07 -17.64
C PHE C 40 -12.39 -46.17 -16.58
N GLU C 41 -13.05 -45.92 -15.44
CA GLU C 41 -13.25 -46.97 -14.44
C GLU C 41 -14.17 -48.08 -14.99
N LYS C 42 -15.24 -47.67 -15.66
CA LYS C 42 -16.18 -48.62 -16.28
C LYS C 42 -15.49 -49.43 -17.38
N GLN C 43 -14.70 -48.76 -18.21
CA GLN C 43 -14.08 -49.39 -19.37
C GLN C 43 -12.91 -50.30 -19.03
N TYR C 44 -11.94 -49.77 -18.28
CA TYR C 44 -10.67 -50.48 -18.02
C TYR C 44 -10.37 -50.74 -16.53
N GLY C 45 -11.31 -50.42 -15.64
CA GLY C 45 -11.11 -50.57 -14.20
C GLY C 45 -10.98 -52.00 -13.71
N SER C 46 -11.72 -52.92 -14.33
CA SER C 46 -11.62 -54.34 -14.02
C SER C 46 -10.33 -54.98 -14.54
N GLU C 47 -9.70 -54.36 -15.54
CA GLU C 47 -8.43 -54.83 -16.11
C GLU C 47 -7.21 -54.31 -15.35
N LEU C 48 -7.32 -53.14 -14.72
CA LEU C 48 -6.23 -52.56 -13.93
C LEU C 48 -6.24 -53.10 -12.49
N ASP C 49 -5.17 -53.78 -12.11
CA ASP C 49 -5.03 -54.31 -10.74
C ASP C 49 -4.83 -53.15 -9.75
N ASP C 50 -5.36 -53.32 -8.54
CA ASP C 50 -5.15 -52.34 -7.46
C ASP C 50 -3.69 -52.25 -7.03
N LYS C 51 -2.92 -53.33 -7.20
CA LYS C 51 -1.48 -53.34 -6.89
C LYS C 51 -0.67 -52.37 -7.75
N GLU C 52 -1.10 -52.12 -8.99
CA GLU C 52 -0.47 -51.13 -9.86
C GLU C 52 -0.55 -49.72 -9.24
N VAL C 53 -1.72 -49.39 -8.69
CA VAL C 53 -1.94 -48.10 -8.03
C VAL C 53 -1.22 -48.08 -6.67
N ASP C 54 -1.46 -49.11 -5.86
CA ASP C 54 -0.91 -49.18 -4.49
C ASP C 54 0.63 -49.18 -4.41
N ASP C 55 1.29 -49.75 -5.42
CA ASP C 55 2.75 -49.69 -5.50
C ASP C 55 3.24 -48.27 -5.82
N THR C 56 2.51 -47.55 -6.67
CA THR C 56 2.92 -46.20 -7.09
C THR C 56 2.68 -45.15 -6.00
N ILE C 57 1.56 -45.25 -5.30
CA ILE C 57 1.30 -44.38 -4.13
C ILE C 57 2.25 -44.70 -2.97
N ALA C 58 2.63 -45.97 -2.84
CA ALA C 58 3.67 -46.38 -1.88
C ALA C 58 5.05 -45.86 -2.29
N GLU C 59 5.35 -45.94 -3.58
CA GLU C 59 6.62 -45.42 -4.16
C GLU C 59 6.72 -43.91 -3.96
N GLU C 60 5.63 -43.21 -4.21
CA GLU C 60 5.58 -41.75 -4.08
C GLU C 60 5.73 -41.27 -2.63
N LYS C 61 5.26 -42.07 -1.68
CA LYS C 61 5.38 -41.75 -0.25
C LYS C 61 6.83 -41.77 0.24
N LYS C 62 7.65 -42.65 -0.34
CA LYS C 62 9.08 -42.72 0.00
C LYS C 62 9.89 -41.55 -0.57
N GLN C 63 9.50 -41.04 -1.73
CA GLN C 63 10.16 -39.90 -2.37
C GLN C 63 10.03 -38.60 -1.56
N TYR C 64 8.86 -38.37 -0.98
CA TYR C 64 8.60 -37.19 -0.13
C TYR C 64 8.86 -37.48 1.36
N GLY C 65 8.47 -38.67 1.83
CA GLY C 65 8.70 -39.08 3.21
C GLY C 65 7.82 -38.35 4.20
N GLU C 66 8.44 -37.56 5.08
CA GLU C 66 7.73 -36.79 6.10
C GLU C 66 7.03 -35.55 5.54
N ASN C 67 7.45 -35.08 4.36
CA ASN C 67 6.79 -33.96 3.67
C ASN C 67 5.49 -34.33 2.91
N TYR C 68 5.21 -35.63 2.78
CA TYR C 68 4.07 -36.11 1.96
C TYR C 68 2.71 -35.64 2.47
N GLN C 69 2.49 -35.69 3.78
CA GLN C 69 1.24 -35.19 4.39
C GLN C 69 1.04 -33.70 4.14
N ARG C 70 2.12 -32.93 4.28
CA ARG C 70 2.06 -31.47 4.10
C ARG C 70 1.72 -31.11 2.65
N VAL C 71 2.54 -31.56 1.70
CA VAL C 71 2.40 -31.16 0.28
C VAL C 71 1.04 -31.52 -0.33
N LEU C 72 0.46 -32.64 0.10
CA LEU C 72 -0.89 -33.03 -0.32
C LEU C 72 -1.97 -32.11 0.24
N SER C 73 -1.82 -31.70 1.51
CA SER C 73 -2.75 -30.76 2.15
C SER C 73 -2.69 -29.34 1.54
N GLN C 74 -1.51 -28.93 1.06
CA GLN C 74 -1.35 -27.63 0.41
C GLN C 74 -1.94 -27.62 -1.00
N ALA C 75 -1.93 -28.79 -1.66
CA ALA C 75 -2.59 -28.96 -2.96
C ALA C 75 -4.09 -29.24 -2.85
N GLY C 76 -4.61 -29.36 -1.63
CA GLY C 76 -6.01 -29.64 -1.38
C GLY C 76 -6.37 -31.07 -1.69
N MET C 77 -5.56 -31.99 -1.15
CA MET C 77 -5.75 -33.42 -1.38
C MET C 77 -5.40 -34.25 -0.16
N THR C 78 -5.86 -35.49 -0.17
CA THR C 78 -5.58 -36.47 0.87
C THR C 78 -5.14 -37.77 0.22
N LEU C 79 -4.68 -38.70 1.05
CA LEU C 79 -4.27 -40.04 0.63
C LEU C 79 -5.21 -40.68 -0.42
N GLU C 80 -6.52 -40.59 -0.17
CA GLU C 80 -7.53 -41.17 -1.05
C GLU C 80 -7.65 -40.44 -2.38
N THR C 81 -7.79 -39.11 -2.31
CA THR C 81 -7.99 -38.29 -3.52
C THR C 81 -6.78 -38.34 -4.46
N ARG C 82 -5.58 -38.40 -3.88
CA ARG C 82 -4.35 -38.63 -4.66
C ARG C 82 -4.31 -40.03 -5.26
N LYS C 83 -4.77 -41.04 -4.51
CA LYS C 83 -4.85 -42.42 -5.00
C LYS C 83 -5.76 -42.51 -6.22
N ALA C 84 -6.93 -41.89 -6.11
CA ALA C 84 -7.89 -41.81 -7.22
C ALA C 84 -7.29 -41.11 -8.45
N GLN C 85 -6.44 -40.12 -8.21
CA GLN C 85 -5.77 -39.37 -9.27
C GLN C 85 -4.75 -40.23 -10.02
N ILE C 86 -3.99 -41.03 -9.28
CA ILE C 86 -3.02 -41.99 -9.88
C ILE C 86 -3.75 -43.12 -10.61
N ARG C 87 -4.81 -43.63 -9.99
CA ARG C 87 -5.64 -44.66 -10.60
C ARG C 87 -6.23 -44.19 -11.93
N THR C 88 -6.81 -42.99 -11.93
CA THR C 88 -7.33 -42.36 -13.15
C THR C 88 -6.25 -42.27 -14.23
N SER C 89 -5.06 -41.80 -13.82
CA SER C 89 -3.92 -41.66 -14.73
C SER C 89 -3.46 -43.01 -15.30
N LYS C 90 -3.45 -44.05 -14.47
CA LYS C 90 -3.10 -45.41 -14.91
C LYS C 90 -4.18 -46.13 -15.74
N LEU C 91 -5.43 -45.70 -15.60
CA LEU C 91 -6.51 -46.21 -16.45
C LEU C 91 -6.43 -45.64 -17.85
N VAL C 92 -6.07 -44.35 -17.97
CA VAL C 92 -5.86 -43.73 -19.28
C VAL C 92 -4.66 -44.38 -19.98
N GLU C 93 -3.58 -44.61 -19.23
CA GLU C 93 -2.37 -45.26 -19.73
C GLU C 93 -2.62 -46.70 -20.20
N LEU C 94 -3.37 -47.45 -19.39
CA LEU C 94 -3.78 -48.82 -19.75
C LEU C 94 -4.64 -48.86 -21.01
N ALA C 95 -5.52 -47.86 -21.16
CA ALA C 95 -6.33 -47.73 -22.38
C ALA C 95 -5.48 -47.39 -23.60
N VAL C 96 -4.54 -46.46 -23.43
CA VAL C 96 -3.60 -46.09 -24.51
C VAL C 96 -2.74 -47.30 -24.92
N LYS C 97 -2.29 -48.07 -23.93
CA LYS C 97 -1.55 -49.31 -24.14
C LYS C 97 -2.35 -50.33 -24.97
N LYS C 98 -3.59 -50.55 -24.55
CA LYS C 98 -4.45 -51.57 -25.19
C LYS C 98 -4.87 -51.20 -26.60
N VAL C 99 -5.23 -49.94 -26.83
CA VAL C 99 -5.61 -49.47 -28.16
C VAL C 99 -4.41 -49.41 -29.10
N ALA C 100 -3.25 -48.99 -28.58
CA ALA C 100 -1.99 -49.00 -29.35
C ALA C 100 -1.56 -50.43 -29.73
N GLU C 101 -1.49 -51.33 -28.74
CA GLU C 101 -1.18 -52.76 -28.98
C GLU C 101 -1.92 -53.31 -30.19
N ALA C 102 -3.24 -53.17 -30.18
CA ALA C 102 -4.13 -53.68 -31.24
C ALA C 102 -3.88 -53.04 -32.62
N GLU C 103 -3.47 -51.78 -32.63
CA GLU C 103 -3.18 -51.04 -33.87
C GLU C 103 -1.73 -51.15 -34.35
N LEU C 104 -0.88 -51.93 -33.65
CA LEU C 104 0.48 -52.19 -34.11
C LEU C 104 0.48 -52.86 -35.49
N THR C 105 0.97 -52.13 -36.49
CA THR C 105 1.11 -52.65 -37.85
C THR C 105 2.55 -53.10 -38.09
N ASP C 106 2.78 -53.77 -39.22
CA ASP C 106 4.14 -54.08 -39.69
C ASP C 106 4.87 -52.82 -40.15
N GLU C 107 4.14 -51.92 -40.80
CA GLU C 107 4.67 -50.60 -41.18
C GLU C 107 5.11 -49.76 -39.97
N ALA C 108 4.42 -49.93 -38.83
CA ALA C 108 4.80 -49.29 -37.57
C ALA C 108 6.07 -49.91 -36.97
N TYR C 109 6.13 -51.24 -36.93
CA TYR C 109 7.31 -51.96 -36.43
C TYR C 109 8.60 -51.56 -37.17
N LYS C 110 8.51 -51.41 -38.50
CA LYS C 110 9.67 -51.00 -39.32
C LYS C 110 10.18 -49.59 -39.02
N LYS C 111 9.25 -48.64 -38.84
CA LYS C 111 9.61 -47.24 -38.52
C LYS C 111 10.41 -47.17 -37.21
N ALA C 112 9.95 -47.91 -36.20
CA ALA C 112 10.67 -48.05 -34.92
C ALA C 112 11.99 -48.81 -35.09
N PHE C 113 11.96 -49.88 -35.87
CA PHE C 113 13.15 -50.71 -36.16
C PHE C 113 14.27 -49.91 -36.81
N ASP C 114 13.92 -49.05 -37.77
CA ASP C 114 14.92 -48.21 -38.46
C ASP C 114 15.60 -47.18 -37.52
N GLU C 115 14.90 -46.76 -36.47
CA GLU C 115 15.47 -45.81 -35.47
C GLU C 115 15.87 -46.47 -34.13
N TYR C 116 15.93 -47.80 -34.10
CA TYR C 116 16.23 -48.56 -32.88
C TYR C 116 17.74 -48.75 -32.72
N THR C 117 18.19 -48.87 -31.47
CA THR C 117 19.59 -49.16 -31.14
C THR C 117 19.66 -50.37 -30.21
N PRO C 118 20.48 -51.39 -30.56
CA PRO C 118 20.62 -52.58 -29.70
C PRO C 118 21.50 -52.31 -28.47
N ASP C 119 21.68 -53.33 -27.63
CA ASP C 119 22.48 -53.22 -26.39
C ASP C 119 23.75 -52.38 -26.54
N VAL C 120 23.92 -51.44 -25.61
CA VAL C 120 25.09 -50.57 -25.54
C VAL C 120 25.56 -50.60 -24.08
N THR C 121 26.77 -51.12 -23.85
CA THR C 121 27.37 -51.10 -22.52
C THR C 121 28.01 -49.73 -22.29
N ALA C 122 27.89 -49.23 -21.06
CA ALA C 122 28.41 -47.90 -20.72
C ALA C 122 28.57 -47.74 -19.21
N GLN C 123 29.40 -46.78 -18.81
CA GLN C 123 29.66 -46.48 -17.41
C GLN C 123 29.03 -45.15 -17.04
N ILE C 124 28.05 -45.19 -16.13
CA ILE C 124 27.26 -44.03 -15.75
C ILE C 124 27.52 -43.62 -14.30
N ILE C 125 27.58 -42.31 -14.08
CA ILE C 125 27.79 -41.72 -12.75
C ILE C 125 26.58 -40.81 -12.47
N ARG C 126 25.80 -41.15 -11.45
CA ARG C 126 24.66 -40.31 -11.04
C ARG C 126 25.07 -39.39 -9.89
N LEU C 127 24.57 -38.16 -9.92
CA LEU C 127 24.96 -37.11 -8.98
C LEU C 127 23.77 -36.27 -8.53
N ASN C 128 23.93 -35.61 -7.39
CA ASN C 128 22.92 -34.71 -6.82
C ASN C 128 23.32 -33.25 -7.04
N ASN C 129 24.48 -32.86 -6.51
CA ASN C 129 25.00 -31.50 -6.66
C ASN C 129 25.56 -31.28 -8.07
N GLU C 130 25.11 -30.22 -8.74
CA GLU C 130 25.60 -29.85 -10.07
C GLU C 130 27.06 -29.38 -10.03
N ASP C 131 27.45 -28.73 -8.92
CA ASP C 131 28.85 -28.35 -8.68
C ASP C 131 29.76 -29.57 -8.59
N LYS C 132 29.27 -30.64 -7.98
CA LYS C 132 29.99 -31.92 -7.96
C LYS C 132 30.04 -32.54 -9.36
N ALA C 133 28.90 -32.52 -10.06
CA ALA C 133 28.80 -33.09 -11.41
C ALA C 133 29.79 -32.49 -12.43
N LYS C 134 29.99 -31.17 -12.35
CA LYS C 134 31.02 -30.51 -13.17
C LYS C 134 32.42 -30.83 -12.69
N GLU C 135 32.61 -30.90 -11.37
CA GLU C 135 33.89 -31.29 -10.76
C GLU C 135 34.29 -32.76 -11.04
N VAL C 136 33.30 -33.64 -11.18
CA VAL C 136 33.56 -35.03 -11.58
C VAL C 136 33.90 -35.11 -13.08
N LEU C 137 33.26 -34.27 -13.89
CA LEU C 137 33.48 -34.26 -15.35
C LEU C 137 34.89 -33.79 -15.73
N GLU C 138 35.39 -32.74 -15.05
CA GLU C 138 36.75 -32.26 -15.30
C GLU C 138 37.81 -33.32 -14.96
N LYS C 139 37.56 -34.12 -13.93
CA LYS C 139 38.42 -35.26 -13.58
C LYS C 139 38.33 -36.38 -14.61
N ALA C 140 37.12 -36.64 -15.12
CA ALA C 140 36.89 -37.67 -16.14
C ALA C 140 37.62 -37.41 -17.46
N LYS C 141 37.87 -36.14 -17.79
CA LYS C 141 38.61 -35.76 -19.00
C LYS C 141 40.12 -35.53 -18.79
N ALA C 142 40.65 -35.93 -17.63
CA ALA C 142 42.09 -35.85 -17.35
C ALA C 142 42.88 -36.92 -18.12
N GLU C 143 44.21 -36.76 -18.13
CA GLU C 143 45.10 -37.51 -19.03
C GLU C 143 44.98 -39.03 -18.90
N GLY C 144 45.17 -39.54 -17.68
CA GLY C 144 45.01 -40.96 -17.36
C GLY C 144 43.89 -41.17 -16.38
N ALA C 145 42.73 -40.56 -16.67
CA ALA C 145 41.58 -40.58 -15.76
C ALA C 145 40.93 -41.96 -15.71
N ASP C 146 40.82 -42.51 -14.50
CA ASP C 146 40.14 -43.79 -14.29
C ASP C 146 38.67 -43.50 -14.06
N PHE C 147 37.85 -43.83 -15.06
CA PHE C 147 36.40 -43.55 -15.00
C PHE C 147 35.68 -44.43 -13.97
N ALA C 148 36.18 -45.65 -13.76
CA ALA C 148 35.61 -46.58 -12.79
C ALA C 148 35.70 -46.08 -11.34
N GLN C 149 36.87 -45.61 -10.94
CA GLN C 149 37.06 -45.06 -9.58
C GLN C 149 36.24 -43.79 -9.34
N LEU C 150 36.11 -42.95 -10.37
CA LEU C 150 35.24 -41.76 -10.30
C LEU C 150 33.80 -42.16 -10.03
N ALA C 151 33.33 -43.23 -10.68
CA ALA C 151 31.99 -43.76 -10.43
C ALA C 151 31.87 -44.37 -9.03
N LYS C 152 32.87 -45.16 -8.61
CA LYS C 152 32.90 -45.77 -7.28
C LYS C 152 32.89 -44.72 -6.16
N ASP C 153 33.69 -43.67 -6.32
CA ASP C 153 33.82 -42.62 -5.30
C ASP C 153 32.63 -41.65 -5.27
N ASN C 154 32.16 -41.22 -6.44
CA ASN C 154 31.21 -40.10 -6.55
C ASN C 154 29.74 -40.46 -6.81
N SER C 155 29.47 -41.60 -7.46
CA SER C 155 28.10 -41.92 -7.91
C SER C 155 27.16 -42.32 -6.77
N THR C 156 25.91 -41.85 -6.86
CA THR C 156 24.86 -42.13 -5.88
C THR C 156 24.15 -43.46 -6.14
N ASP C 157 24.10 -43.89 -7.40
CA ASP C 157 23.38 -45.11 -7.79
C ASP C 157 24.05 -46.37 -7.21
N GLU C 158 23.48 -46.90 -6.14
CA GLU C 158 24.06 -48.05 -5.38
C GLU C 158 24.31 -49.31 -6.20
N LYS C 159 23.48 -49.55 -7.21
CA LYS C 159 23.56 -50.77 -8.02
C LYS C 159 24.76 -50.75 -8.99
N THR C 160 24.91 -49.65 -9.74
CA THR C 160 26.01 -49.49 -10.69
C THR C 160 27.33 -49.03 -10.05
N LYS C 161 27.25 -48.32 -8.92
CA LYS C 161 28.41 -47.86 -8.14
C LYS C 161 29.47 -48.94 -7.89
N GLU C 162 29.01 -50.13 -7.48
CA GLU C 162 29.91 -51.24 -7.12
C GLU C 162 30.72 -51.77 -8.30
N ASN C 163 30.13 -51.72 -9.51
CA ASN C 163 30.73 -52.28 -10.73
C ASN C 163 31.40 -51.21 -11.63
N GLY C 164 31.92 -50.14 -11.03
CA GLY C 164 32.53 -49.05 -11.79
C GLY C 164 31.56 -48.27 -12.65
N GLY C 165 30.31 -48.16 -12.21
CA GLY C 165 29.26 -47.47 -12.95
C GLY C 165 28.69 -48.18 -14.16
N GLU C 166 29.09 -49.43 -14.40
CA GLU C 166 28.78 -50.10 -15.67
C GLU C 166 27.32 -50.51 -15.79
N ILE C 167 26.78 -50.45 -17.01
CA ILE C 167 25.40 -50.86 -17.30
C ILE C 167 25.20 -51.06 -18.81
N THR C 168 24.33 -52.00 -19.17
CA THR C 168 24.00 -52.34 -20.55
C THR C 168 22.51 -52.10 -20.82
N PHE C 169 22.19 -51.43 -21.92
CA PHE C 169 20.80 -51.04 -22.22
C PHE C 169 20.51 -50.80 -23.71
N ASP C 170 19.24 -50.99 -24.08
CA ASP C 170 18.71 -50.70 -25.43
C ASP C 170 18.02 -49.33 -25.43
N SER C 171 17.40 -48.98 -26.56
CA SER C 171 16.42 -47.90 -26.63
C SER C 171 15.14 -48.22 -25.84
N ALA C 172 14.80 -49.50 -25.76
CA ALA C 172 13.61 -49.98 -25.06
C ALA C 172 13.77 -50.17 -23.53
N SER C 173 14.94 -49.88 -22.97
CA SER C 173 15.16 -50.05 -21.53
C SER C 173 14.57 -48.87 -20.76
N THR C 174 13.82 -49.18 -19.69
CA THR C 174 13.23 -48.19 -18.80
C THR C 174 14.10 -47.90 -17.56
N GLU C 175 15.14 -48.72 -17.36
CA GLU C 175 16.02 -48.60 -16.19
C GLU C 175 16.97 -47.39 -16.22
N VAL C 176 17.13 -46.77 -17.38
CA VAL C 176 17.97 -45.57 -17.57
C VAL C 176 17.12 -44.48 -18.27
N PRO C 177 17.30 -43.20 -17.90
CA PRO C 177 16.43 -42.14 -18.48
C PRO C 177 16.50 -41.93 -20.00
N GLU C 178 15.49 -41.26 -20.54
CA GLU C 178 15.38 -40.98 -21.98
C GLU C 178 16.50 -40.04 -22.46
N GLN C 179 16.76 -38.99 -21.69
CA GLN C 179 17.82 -38.02 -22.01
C GLN C 179 19.21 -38.64 -21.90
N VAL C 180 19.37 -39.60 -20.99
CA VAL C 180 20.65 -40.29 -20.78
C VAL C 180 20.95 -41.24 -21.95
N LYS C 181 19.93 -41.97 -22.39
CA LYS C 181 20.07 -42.94 -23.49
C LYS C 181 20.44 -42.27 -24.82
N LYS C 182 19.75 -41.18 -25.16
CA LYS C 182 20.03 -40.44 -26.41
C LYS C 182 21.42 -39.80 -26.43
N ALA C 183 21.95 -39.45 -25.25
CA ALA C 183 23.33 -38.97 -25.13
C ALA C 183 24.33 -40.12 -25.33
N ALA C 184 24.01 -41.30 -24.80
CA ALA C 184 24.86 -42.48 -24.91
C ALA C 184 24.98 -43.00 -26.34
N PHE C 185 23.86 -43.01 -27.08
CA PHE C 185 23.85 -43.46 -28.47
C PHE C 185 24.56 -42.47 -29.42
N ALA C 186 24.59 -41.19 -29.05
CA ALA C 186 25.25 -40.16 -29.85
C ALA C 186 26.79 -40.19 -29.76
N LEU C 187 27.33 -40.80 -28.69
CA LEU C 187 28.79 -40.87 -28.48
C LEU C 187 29.47 -41.91 -29.37
N ASP C 188 30.76 -41.66 -29.63
CA ASP C 188 31.66 -42.69 -30.17
C ASP C 188 32.17 -43.50 -28.99
N VAL C 189 32.78 -44.64 -29.26
CA VAL C 189 33.29 -45.52 -28.20
C VAL C 189 34.45 -44.79 -27.49
N ASP C 190 34.51 -44.98 -26.17
CA ASP C 190 35.41 -44.24 -25.27
C ASP C 190 35.10 -42.74 -25.13
N GLY C 191 33.92 -42.31 -25.57
CA GLY C 191 33.52 -40.90 -25.53
C GLY C 191 32.79 -40.61 -24.24
N VAL C 192 33.19 -39.54 -23.55
CA VAL C 192 32.52 -39.10 -22.33
C VAL C 192 31.50 -38.05 -22.69
N SER C 193 30.31 -38.15 -22.09
CA SER C 193 29.22 -37.21 -22.36
C SER C 193 29.40 -35.89 -21.61
N ASP C 194 28.51 -34.94 -21.90
CA ASP C 194 28.37 -33.71 -21.12
C ASP C 194 27.57 -34.03 -19.86
N VAL C 195 27.32 -33.03 -19.03
CA VAL C 195 26.44 -33.19 -17.87
C VAL C 195 24.99 -33.27 -18.38
N ILE C 196 24.40 -34.46 -18.28
CA ILE C 196 23.01 -34.70 -18.69
C ILE C 196 22.12 -34.52 -17.46
N THR C 197 20.99 -33.84 -17.65
CA THR C 197 20.04 -33.52 -16.58
C THR C 197 18.70 -34.21 -16.82
N ALA C 198 18.18 -34.91 -15.81
CA ALA C 198 16.89 -35.60 -15.90
C ALA C 198 16.30 -35.89 -14.52
N SER C 205 14.45 -30.59 -8.04
CA SER C 205 15.00 -31.75 -7.34
C SER C 205 15.26 -32.91 -8.32
N SER C 206 16.08 -32.62 -9.33
CA SER C 206 16.39 -33.55 -10.44
C SER C 206 17.79 -34.16 -10.29
N GLN C 207 18.13 -35.09 -11.19
CA GLN C 207 19.38 -35.86 -11.13
C GLN C 207 20.34 -35.52 -12.29
N TYR C 208 21.64 -35.61 -12.01
CA TYR C 208 22.71 -35.23 -12.94
C TYR C 208 23.58 -36.44 -13.33
N TYR C 209 23.66 -36.72 -14.63
CA TYR C 209 24.36 -37.91 -15.14
C TYR C 209 25.57 -37.56 -16.02
N ILE C 210 26.60 -38.41 -15.96
CA ILE C 210 27.72 -38.41 -16.91
C ILE C 210 27.91 -39.84 -17.39
N VAL C 211 27.98 -40.05 -18.71
CA VAL C 211 28.08 -41.40 -19.28
C VAL C 211 29.29 -41.58 -20.21
N LYS C 212 29.98 -42.71 -20.05
CA LYS C 212 31.15 -43.10 -20.84
C LYS C 212 30.75 -44.31 -21.69
N LEU C 213 30.85 -44.18 -23.01
CA LEU C 213 30.50 -45.28 -23.91
C LEU C 213 31.64 -46.30 -23.98
N THR C 214 31.34 -47.53 -23.58
CA THR C 214 32.30 -48.63 -23.53
C THR C 214 32.15 -49.57 -24.72
N LYS C 215 30.92 -50.01 -24.98
CA LYS C 215 30.65 -51.07 -25.97
C LYS C 215 29.44 -50.74 -26.84
N LYS C 216 29.42 -51.33 -28.03
CA LYS C 216 28.32 -51.22 -28.97
C LYS C 216 28.15 -52.56 -29.68
N THR C 217 26.89 -52.98 -29.89
CA THR C 217 26.59 -54.27 -30.53
C THR C 217 25.92 -54.05 -31.88
N GLU C 218 26.05 -55.04 -32.77
CA GLU C 218 25.54 -54.91 -34.14
C GLU C 218 24.04 -55.21 -34.18
N LYS C 219 23.34 -54.48 -35.05
CA LYS C 219 21.89 -54.60 -35.22
C LYS C 219 21.60 -55.53 -36.39
N SER C 220 20.50 -56.26 -36.28
CA SER C 220 20.11 -57.24 -37.31
C SER C 220 19.46 -56.59 -38.53
N SER C 221 19.37 -57.39 -39.60
CA SER C 221 18.51 -57.08 -40.74
C SER C 221 17.10 -57.59 -40.47
N ASN C 222 17.01 -58.78 -39.86
CA ASN C 222 15.74 -59.41 -39.54
C ASN C 222 15.09 -58.75 -38.32
N ILE C 223 13.91 -58.16 -38.55
CA ILE C 223 13.12 -57.49 -37.52
C ILE C 223 12.49 -58.44 -36.49
N ASP C 224 12.25 -59.69 -36.89
CA ASP C 224 11.46 -60.67 -36.12
C ASP C 224 11.90 -60.90 -34.67
N ASP C 225 13.20 -60.83 -34.42
CA ASP C 225 13.73 -61.12 -33.07
C ASP C 225 13.65 -59.93 -32.11
N TYR C 226 13.45 -58.73 -32.65
CA TYR C 226 13.35 -57.50 -31.84
C TYR C 226 11.89 -57.07 -31.62
N LYS C 227 10.94 -58.00 -31.73
CA LYS C 227 9.51 -57.69 -31.81
C LYS C 227 8.95 -57.14 -30.49
N GLU C 228 9.28 -57.83 -29.39
CA GLU C 228 8.80 -57.46 -28.06
C GLU C 228 9.41 -56.14 -27.54
N LYS C 229 10.62 -55.81 -28.01
CA LYS C 229 11.31 -54.57 -27.62
C LYS C 229 10.85 -53.34 -28.43
N LEU C 230 10.63 -53.53 -29.73
CA LEU C 230 10.04 -52.48 -30.58
C LEU C 230 8.62 -52.12 -30.16
N LYS C 231 7.88 -53.14 -29.74
CA LYS C 231 6.55 -52.97 -29.15
C LYS C 231 6.60 -52.02 -27.95
N THR C 232 7.57 -52.23 -27.07
CA THR C 232 7.77 -51.40 -25.87
C THR C 232 8.14 -49.95 -26.20
N VAL C 233 8.94 -49.74 -27.26
CA VAL C 233 9.32 -48.39 -27.72
C VAL C 233 8.12 -47.64 -28.28
N ILE C 234 7.35 -48.32 -29.13
CA ILE C 234 6.17 -47.72 -29.78
C ILE C 234 5.09 -47.38 -28.75
N LEU C 235 4.85 -48.28 -27.80
CA LEU C 235 3.90 -48.02 -26.71
C LEU C 235 4.29 -46.80 -25.87
N THR C 236 5.57 -46.69 -25.55
CA THR C 236 6.10 -45.55 -24.79
C THR C 236 5.93 -44.25 -25.58
N GLN C 237 6.21 -44.27 -26.88
CA GLN C 237 5.96 -43.13 -27.77
C GLN C 237 4.49 -42.69 -27.77
N LYS C 238 3.59 -43.67 -27.84
CA LYS C 238 2.15 -43.40 -27.79
C LYS C 238 1.71 -42.92 -26.39
N GLN C 239 2.32 -43.47 -25.35
CA GLN C 239 2.08 -43.00 -23.97
C GLN C 239 2.42 -41.51 -23.80
N ASN C 240 3.45 -41.04 -24.52
CA ASN C 240 3.91 -39.64 -24.45
C ASN C 240 3.49 -38.76 -25.64
N ASP C 241 2.75 -39.30 -26.60
CA ASP C 241 2.13 -38.50 -27.66
C ASP C 241 0.80 -37.94 -27.14
N SER C 242 0.77 -36.65 -26.80
CA SER C 242 -0.40 -36.04 -26.16
C SER C 242 -1.63 -35.97 -27.08
N THR C 243 -1.40 -35.86 -28.39
CA THR C 243 -2.51 -35.87 -29.37
C THR C 243 -3.22 -37.24 -29.38
N PHE C 244 -2.45 -38.31 -29.22
CA PHE C 244 -3.00 -39.67 -29.10
C PHE C 244 -3.75 -39.86 -27.77
N VAL C 245 -3.15 -39.39 -26.68
CA VAL C 245 -3.72 -39.57 -25.34
C VAL C 245 -5.05 -38.82 -25.22
N GLN C 246 -5.11 -37.60 -25.76
CA GLN C 246 -6.34 -36.81 -25.75
C GLN C 246 -7.44 -37.43 -26.62
N SER C 247 -7.07 -38.02 -27.76
CA SER C 247 -8.01 -38.76 -28.59
C SER C 247 -8.62 -39.96 -27.85
N ILE C 248 -7.78 -40.72 -27.16
CA ILE C 248 -8.23 -41.87 -26.38
C ILE C 248 -9.22 -41.44 -25.29
N ILE C 249 -8.97 -40.30 -24.65
CA ILE C 249 -9.89 -39.76 -23.65
C ILE C 249 -11.20 -39.33 -24.32
N GLY C 250 -11.07 -38.54 -25.39
CA GLY C 250 -12.24 -38.08 -26.17
C GLY C 250 -13.11 -39.21 -26.69
N LYS C 251 -12.49 -40.23 -27.28
CA LYS C 251 -13.22 -41.36 -27.85
C LYS C 251 -13.87 -42.24 -26.79
N GLU C 252 -13.22 -42.41 -25.64
CA GLU C 252 -13.80 -43.17 -24.53
C GLU C 252 -15.01 -42.46 -23.91
N LEU C 253 -14.96 -41.12 -23.88
CA LEU C 253 -16.07 -40.29 -23.39
C LEU C 253 -17.26 -40.31 -24.36
N GLN C 254 -16.97 -40.19 -25.65
CA GLN C 254 -18.00 -40.32 -26.71
C GLN C 254 -18.67 -41.70 -26.72
N ALA C 255 -17.90 -42.74 -26.46
CA ALA C 255 -18.42 -44.11 -26.33
C ALA C 255 -19.25 -44.33 -25.04
N ALA C 256 -18.95 -43.59 -23.99
CA ALA C 256 -19.76 -43.59 -22.77
C ALA C 256 -21.06 -42.78 -22.91
N ASN C 257 -21.14 -41.91 -23.91
CA ASN C 257 -22.32 -41.09 -24.22
C ASN C 257 -22.68 -40.17 -23.04
N ILE C 258 -21.71 -39.33 -22.66
CA ILE C 258 -21.92 -38.42 -21.54
C ILE C 258 -22.82 -37.25 -21.94
N LYS C 259 -23.83 -36.98 -21.12
CA LYS C 259 -24.69 -35.81 -21.26
C LYS C 259 -24.38 -34.86 -20.12
N VAL C 260 -24.12 -33.60 -20.45
CA VAL C 260 -23.86 -32.55 -19.46
C VAL C 260 -25.21 -31.93 -19.08
N LYS C 261 -25.64 -32.13 -17.83
CA LYS C 261 -26.96 -31.67 -17.38
C LYS C 261 -27.00 -30.16 -17.10
N ASP C 262 -26.02 -29.68 -16.33
CA ASP C 262 -25.93 -28.25 -15.98
C ASP C 262 -25.06 -27.54 -17.01
N GLN C 263 -25.59 -26.46 -17.61
CA GLN C 263 -24.89 -25.73 -18.70
C GLN C 263 -23.62 -24.99 -18.26
N ALA C 264 -23.41 -24.85 -16.96
CA ALA C 264 -22.15 -24.30 -16.42
C ALA C 264 -20.92 -25.09 -16.86
N PHE C 265 -21.06 -26.41 -17.01
CA PHE C 265 -19.94 -27.29 -17.41
C PHE C 265 -19.92 -27.65 -18.91
N GLN C 266 -20.55 -26.84 -19.76
CA GLN C 266 -20.67 -27.17 -21.18
C GLN C 266 -19.35 -26.97 -21.94
N ASN C 267 -18.66 -25.87 -21.66
CA ASN C 267 -17.44 -25.49 -22.44
C ASN C 267 -16.22 -26.38 -22.17
N ILE C 268 -16.02 -26.78 -20.92
CA ILE C 268 -14.84 -27.59 -20.53
C ILE C 268 -14.84 -29.02 -21.11
N PHE C 269 -16.02 -29.54 -21.45
CA PHE C 269 -16.15 -30.83 -22.14
C PHE C 269 -16.08 -30.72 -23.68
N THR C 270 -16.05 -29.50 -24.22
CA THR C 270 -16.04 -29.28 -25.67
C THR C 270 -14.78 -29.82 -26.37
N GLN C 271 -13.64 -29.75 -25.68
CA GLN C 271 -12.39 -30.37 -26.15
C GLN C 271 -12.52 -31.88 -26.46
N TYR C 272 -13.36 -32.57 -25.70
CA TYR C 272 -13.59 -34.02 -25.86
C TYR C 272 -14.88 -34.36 -26.62
N ILE C 273 -15.98 -33.66 -26.32
CA ILE C 273 -17.29 -33.90 -26.97
C ILE C 273 -17.49 -32.89 -28.12
N GLY D 1 20.16 16.41 37.23
CA GLY D 1 19.22 15.73 36.28
C GLY D 1 18.69 14.40 36.78
N ALA D 2 17.47 14.07 36.35
CA ALA D 2 16.78 12.84 36.76
C ALA D 2 16.55 11.91 35.57
N ASP D 3 16.06 10.70 35.86
CA ASP D 3 15.77 9.68 34.85
C ASP D 3 14.33 9.80 34.35
N LEU D 4 14.15 9.79 33.03
CA LEU D 4 12.83 9.87 32.41
C LEU D 4 12.25 8.47 32.16
N ILE D 5 13.06 7.59 31.59
CA ILE D 5 12.67 6.23 31.24
C ILE D 5 13.70 5.25 31.78
N SER D 6 13.23 4.14 32.36
CA SER D 6 14.10 3.05 32.79
C SER D 6 13.62 1.73 32.19
N MET D 7 14.57 0.81 31.98
CA MET D 7 14.30 -0.51 31.42
C MET D 7 15.36 -1.49 31.95
N LYS D 8 15.41 -2.70 31.40
CA LYS D 8 16.41 -3.69 31.82
C LYS D 8 17.84 -3.27 31.44
N GLY D 9 18.64 -2.93 32.45
CA GLY D 9 20.04 -2.61 32.28
C GLY D 9 20.34 -1.30 31.55
N ASP D 10 19.40 -0.36 31.58
CA ASP D 10 19.58 0.94 30.92
C ASP D 10 18.56 1.97 31.40
N VAL D 11 18.90 3.25 31.20
CA VAL D 11 17.98 4.36 31.43
C VAL D 11 18.15 5.43 30.36
N ILE D 12 17.10 6.24 30.16
CA ILE D 12 17.19 7.50 29.41
C ILE D 12 17.03 8.62 30.43
N THR D 13 18.01 9.53 30.48
CA THR D 13 18.01 10.64 31.42
C THR D 13 17.48 11.91 30.77
N GLU D 14 17.22 12.90 31.62
CA GLU D 14 16.74 14.23 31.21
C GLU D 14 17.72 14.92 30.26
N HIS D 15 19.01 14.88 30.59
N HIS D 15 19.02 14.89 30.59
CA HIS D 15 20.05 15.49 29.75
CA HIS D 15 20.05 15.50 29.75
C HIS D 15 20.18 14.79 28.39
C HIS D 15 20.18 14.79 28.39
N GLN D 16 20.13 13.46 28.39
CA GLN D 16 20.12 12.67 27.15
C GLN D 16 18.93 13.03 26.28
N PHE D 17 17.76 13.14 26.90
CA PHE D 17 16.55 13.63 26.22
C PHE D 17 16.73 15.05 25.67
N TYR D 18 17.32 15.94 26.48
CA TYR D 18 17.58 17.31 26.04
C TYR D 18 18.51 17.37 24.80
N GLU D 19 19.61 16.64 24.87
CA GLU D 19 20.62 16.65 23.79
C GLU D 19 20.06 16.15 22.46
N GLN D 20 19.08 15.25 22.52
CA GLN D 20 18.32 14.82 21.33
C GLN D 20 17.25 15.85 20.93
N VAL D 21 16.41 16.25 21.88
CA VAL D 21 15.23 17.08 21.59
C VAL D 21 15.57 18.51 21.14
N LYS D 22 16.73 19.03 21.55
CA LYS D 22 17.15 20.40 21.20
C LYS D 22 17.25 20.70 19.70
N ASN D 23 17.46 19.69 18.86
CA ASN D 23 17.48 19.86 17.40
C ASN D 23 16.07 19.86 16.76
N ASN D 24 15.06 19.45 17.53
CA ASN D 24 13.68 19.37 17.05
C ASN D 24 13.14 20.79 16.82
N PRO D 25 12.61 21.10 15.61
CA PRO D 25 12.05 22.44 15.32
C PRO D 25 10.95 22.91 16.28
N SER D 26 10.06 22.01 16.67
CA SER D 26 8.96 22.35 17.59
C SER D 26 9.47 22.66 19.01
N ALA D 27 10.49 21.93 19.46
CA ALA D 27 11.14 22.19 20.74
C ALA D 27 11.93 23.49 20.72
N GLN D 28 12.49 23.86 19.57
CA GLN D 28 13.16 25.15 19.41
C GLN D 28 12.18 26.32 19.49
N GLN D 29 10.96 26.10 19.02
CA GLN D 29 9.88 27.08 19.13
C GLN D 29 9.53 27.34 20.59
N VAL D 30 9.51 26.28 21.40
CA VAL D 30 9.16 26.39 22.82
C VAL D 30 10.12 27.33 23.56
N LEU D 31 11.43 27.14 23.32
CA LEU D 31 12.45 27.96 23.98
C LEU D 31 12.38 29.43 23.55
N LEU D 32 12.14 29.66 22.27
CA LEU D 32 11.94 31.02 21.75
C LEU D 32 10.72 31.69 22.40
N ASN D 33 9.64 30.92 22.56
CA ASN D 33 8.43 31.40 23.27
C ASN D 33 8.68 31.65 24.75
N MET D 34 9.44 30.78 25.40
CA MET D 34 9.84 30.97 26.81
C MET D 34 10.64 32.26 27.00
N THR D 35 11.51 32.56 26.03
CA THR D 35 12.35 33.74 26.06
C THR D 35 11.54 35.03 25.83
N ILE D 36 10.65 35.00 24.84
CA ILE D 36 9.69 36.08 24.63
C ILE D 36 8.84 36.28 25.89
N GLN D 37 8.39 35.19 26.51
CA GLN D 37 7.61 35.27 27.74
C GLN D 37 8.38 35.93 28.89
N LYS D 38 9.63 35.52 29.12
CA LYS D 38 10.42 36.06 30.26
C LYS D 38 10.79 37.53 30.08
N VAL D 39 11.16 37.91 28.85
CA VAL D 39 11.50 39.30 28.54
C VAL D 39 10.32 40.24 28.77
N PHE D 40 9.17 39.90 28.19
CA PHE D 40 7.96 40.71 28.32
C PHE D 40 7.36 40.68 29.73
N GLU D 41 7.43 39.55 30.41
CA GLU D 41 7.03 39.47 31.81
C GLU D 41 7.91 40.35 32.71
N LYS D 42 9.20 40.45 32.39
CA LYS D 42 10.13 41.27 33.16
C LYS D 42 9.83 42.76 33.02
N GLN D 43 9.73 43.23 31.78
CA GLN D 43 9.45 44.64 31.50
C GLN D 43 8.03 45.05 31.90
N TYR D 44 7.06 44.46 31.22
CA TYR D 44 5.67 44.91 31.27
C TYR D 44 4.76 44.15 32.22
N GLY D 45 5.28 43.10 32.87
CA GLY D 45 4.46 42.16 33.64
C GLY D 45 3.66 42.76 34.78
N SER D 46 4.25 43.72 35.48
CA SER D 46 3.57 44.42 36.59
C SER D 46 2.29 45.15 36.21
N GLU D 47 2.17 45.58 34.96
CA GLU D 47 0.98 46.28 34.48
C GLU D 47 -0.24 45.37 34.28
N LEU D 48 0.00 44.08 34.01
CA LEU D 48 -1.07 43.12 33.73
C LEU D 48 -1.43 42.29 34.96
N ASP D 49 -2.65 42.49 35.44
CA ASP D 49 -3.22 41.69 36.52
C ASP D 49 -3.57 40.31 35.97
N ASP D 50 -3.36 39.27 36.78
CA ASP D 50 -3.75 37.91 36.39
C ASP D 50 -5.25 37.72 36.23
N LYS D 51 -6.05 38.56 36.91
CA LYS D 51 -7.49 38.63 36.68
C LYS D 51 -7.83 38.79 35.19
N GLU D 52 -7.06 39.61 34.48
CA GLU D 52 -7.21 39.82 33.03
C GLU D 52 -7.14 38.49 32.28
N VAL D 53 -6.20 37.65 32.68
CA VAL D 53 -6.01 36.30 32.10
C VAL D 53 -7.08 35.33 32.60
N ASP D 54 -7.38 35.38 33.90
CA ASP D 54 -8.41 34.50 34.51
C ASP D 54 -9.81 34.74 33.93
N ASP D 55 -10.12 35.98 33.59
CA ASP D 55 -11.38 36.31 32.91
C ASP D 55 -11.44 35.65 31.53
N THR D 56 -10.34 35.74 30.77
CA THR D 56 -10.24 35.11 29.45
C THR D 56 -10.22 33.57 29.54
N ILE D 57 -9.64 33.03 30.62
CA ILE D 57 -9.63 31.58 30.87
C ILE D 57 -11.04 31.07 31.17
N ALA D 58 -11.75 31.76 32.06
CA ALA D 58 -13.14 31.42 32.38
C ALA D 58 -14.08 31.51 31.17
N GLU D 59 -13.75 32.39 30.22
CA GLU D 59 -14.51 32.53 28.97
C GLU D 59 -14.37 31.28 28.08
N GLU D 60 -13.13 30.81 27.89
CA GLU D 60 -12.84 29.59 27.13
C GLU D 60 -13.38 28.33 27.81
N LYS D 61 -13.13 28.21 29.11
CA LYS D 61 -13.63 27.08 29.93
C LYS D 61 -15.17 26.96 29.92
N LYS D 62 -15.86 28.08 30.00
CA LYS D 62 -17.32 28.11 29.91
C LYS D 62 -17.82 27.75 28.50
N GLN D 63 -17.04 28.10 27.47
CA GLN D 63 -17.38 27.80 26.07
C GLN D 63 -17.28 26.30 25.75
N TYR D 64 -16.07 25.74 25.85
CA TYR D 64 -15.85 24.31 25.56
C TYR D 64 -16.45 23.39 26.64
N GLY D 65 -16.61 23.92 27.86
CA GLY D 65 -17.29 23.20 28.94
C GLY D 65 -16.39 22.15 29.55
N GLU D 66 -16.88 20.92 29.60
CA GLU D 66 -16.15 19.79 30.20
C GLU D 66 -15.29 19.01 29.18
N ASN D 67 -15.21 19.51 27.95
CA ASN D 67 -14.19 19.10 26.98
C ASN D 67 -12.91 19.96 27.07
N TYR D 68 -12.88 20.94 27.97
CA TYR D 68 -11.77 21.90 28.07
C TYR D 68 -10.41 21.24 28.28
N GLN D 69 -10.35 20.23 29.15
CA GLN D 69 -9.10 19.50 29.39
C GLN D 69 -8.61 18.78 28.13
N ARG D 70 -9.55 18.22 27.35
CA ARG D 70 -9.22 17.49 26.12
C ARG D 70 -8.77 18.41 24.99
N VAL D 71 -9.43 19.55 24.80
CA VAL D 71 -9.05 20.50 23.73
C VAL D 71 -7.68 21.14 23.96
N LEU D 72 -7.30 21.34 25.23
CA LEU D 72 -5.94 21.75 25.58
C LEU D 72 -4.93 20.67 25.23
N SER D 73 -5.25 19.42 25.59
CA SER D 73 -4.41 18.25 25.27
C SER D 73 -4.21 18.12 23.76
N GLN D 74 -5.30 18.20 23.01
CA GLN D 74 -5.27 18.17 21.53
C GLN D 74 -4.38 19.25 20.90
N ALA D 75 -4.29 20.41 21.55
CA ALA D 75 -3.43 21.51 21.12
C ALA D 75 -1.98 21.45 21.65
N GLY D 76 -1.58 20.31 22.22
CA GLY D 76 -0.21 20.12 22.74
C GLY D 76 0.13 21.05 23.90
N MET D 77 -0.82 21.18 24.82
CA MET D 77 -0.81 22.28 25.79
C MET D 77 -1.55 21.87 27.07
N THR D 78 -1.42 22.69 28.11
CA THR D 78 -2.16 22.50 29.36
C THR D 78 -2.70 23.85 29.85
N LEU D 79 -3.42 23.83 30.98
CA LEU D 79 -3.97 25.04 31.59
C LEU D 79 -2.89 26.08 31.90
N GLU D 80 -1.82 25.63 32.56
CA GLU D 80 -0.71 26.51 32.96
C GLU D 80 -0.05 27.22 31.78
N THR D 81 0.27 26.46 30.73
CA THR D 81 0.94 27.01 29.54
C THR D 81 0.01 27.87 28.67
N ARG D 82 -1.26 27.49 28.58
CA ARG D 82 -2.27 28.28 27.88
C ARG D 82 -2.54 29.62 28.59
N LYS D 83 -2.58 29.56 29.91
CA LYS D 83 -2.65 30.74 30.77
C LYS D 83 -1.43 31.65 30.55
N ALA D 84 -0.25 31.03 30.43
CA ALA D 84 0.99 31.76 30.13
C ALA D 84 1.01 32.33 28.70
N GLN D 85 0.40 31.61 27.76
CA GLN D 85 0.28 32.05 26.37
C GLN D 85 -0.62 33.29 26.22
N ILE D 86 -1.76 33.28 26.93
CA ILE D 86 -2.68 34.43 26.96
C ILE D 86 -2.01 35.63 27.61
N ARG D 87 -1.29 35.38 28.70
CA ARG D 87 -0.56 36.42 29.42
C ARG D 87 0.46 37.11 28.52
N THR D 88 1.31 36.31 27.89
CA THR D 88 2.34 36.78 26.97
C THR D 88 1.75 37.56 25.80
N SER D 89 0.64 37.05 25.27
CA SER D 89 -0.11 37.73 24.20
C SER D 89 -0.57 39.13 24.63
N LYS D 90 -1.14 39.24 25.83
CA LYS D 90 -1.64 40.52 26.36
C LYS D 90 -0.54 41.53 26.68
N LEU D 91 0.64 41.05 27.10
CA LEU D 91 1.77 41.94 27.38
C LEU D 91 2.40 42.47 26.09
N VAL D 92 2.42 41.66 25.05
CA VAL D 92 2.90 42.10 23.73
C VAL D 92 2.03 43.24 23.19
N GLU D 93 0.71 43.02 23.16
CA GLU D 93 -0.22 44.00 22.62
C GLU D 93 -0.21 45.29 23.45
N LEU D 94 -0.09 45.13 24.76
CA LEU D 94 0.09 46.24 25.69
C LEU D 94 1.32 47.09 25.38
N ALA D 95 2.43 46.42 25.05
CA ALA D 95 3.70 47.09 24.68
C ALA D 95 3.64 47.73 23.30
N VAL D 96 2.99 47.04 22.36
CA VAL D 96 2.76 47.55 21.00
C VAL D 96 1.90 48.81 21.01
N LYS D 97 0.93 48.87 21.91
CA LYS D 97 0.04 50.03 22.08
C LYS D 97 0.82 51.30 22.44
N LYS D 98 1.84 51.16 23.29
CA LYS D 98 2.66 52.29 23.72
C LYS D 98 3.50 52.88 22.60
N VAL D 99 4.08 52.02 21.77
CA VAL D 99 4.88 52.50 20.64
C VAL D 99 3.95 53.17 19.61
N ALA D 100 2.80 52.54 19.35
CA ALA D 100 1.81 53.08 18.42
C ALA D 100 1.28 54.46 18.85
N GLU D 101 0.99 54.63 20.14
CA GLU D 101 0.52 55.91 20.68
C GLU D 101 1.54 57.03 20.48
N ALA D 102 2.80 56.74 20.80
CA ALA D 102 3.89 57.71 20.65
C ALA D 102 4.19 58.07 19.18
N GLU D 103 3.94 57.11 18.28
CA GLU D 103 4.17 57.32 16.85
C GLU D 103 2.96 57.88 16.09
N LEU D 104 1.91 58.29 16.81
CA LEU D 104 0.75 58.95 16.20
C LEU D 104 1.17 60.27 15.56
N THR D 105 0.69 60.48 14.34
CA THR D 105 0.94 61.70 13.56
C THR D 105 -0.37 62.19 12.96
N ASP D 106 -0.38 63.44 12.52
CA ASP D 106 -1.56 64.05 11.88
C ASP D 106 -1.86 63.43 10.50
N GLU D 107 -0.83 63.01 9.78
CA GLU D 107 -1.00 62.20 8.56
C GLU D 107 -1.79 60.91 8.84
N ALA D 108 -1.42 60.21 9.92
CA ALA D 108 -2.09 58.97 10.31
C ALA D 108 -3.54 59.23 10.70
N TYR D 109 -3.75 60.27 11.51
CA TYR D 109 -5.10 60.72 11.87
C TYR D 109 -5.95 61.08 10.64
N LYS D 110 -5.37 61.78 9.68
CA LYS D 110 -6.08 62.17 8.46
C LYS D 110 -6.50 60.95 7.61
N LYS D 111 -5.62 59.96 7.52
CA LYS D 111 -5.90 58.74 6.74
C LYS D 111 -7.00 57.89 7.39
N ALA D 112 -7.00 57.79 8.72
CA ALA D 112 -8.06 57.09 9.45
C ALA D 112 -9.40 57.82 9.30
N PHE D 113 -9.37 59.15 9.40
CA PHE D 113 -10.56 60.01 9.23
C PHE D 113 -11.22 59.86 7.84
N ASP D 114 -10.42 59.87 6.78
CA ASP D 114 -10.93 59.67 5.41
C ASP D 114 -11.67 58.34 5.24
N GLU D 115 -11.13 57.27 5.81
CA GLU D 115 -11.73 55.93 5.70
C GLU D 115 -12.85 55.65 6.71
N TYR D 116 -12.95 56.47 7.75
CA TYR D 116 -13.92 56.27 8.84
C TYR D 116 -15.35 56.62 8.41
N THR D 117 -16.30 55.80 8.85
CA THR D 117 -17.73 56.09 8.74
C THR D 117 -18.29 56.08 10.16
N PRO D 118 -18.95 57.18 10.59
CA PRO D 118 -19.44 57.28 11.98
C PRO D 118 -20.66 56.39 12.30
N ASP D 119 -21.10 56.44 13.55
CA ASP D 119 -22.10 55.50 14.09
C ASP D 119 -23.38 55.37 13.25
N VAL D 120 -23.80 54.13 13.07
CA VAL D 120 -24.98 53.77 12.29
C VAL D 120 -25.78 52.75 13.12
N THR D 121 -27.07 53.04 13.34
CA THR D 121 -27.99 52.08 13.97
C THR D 121 -28.68 51.30 12.85
N ALA D 122 -28.58 49.97 12.92
CA ALA D 122 -29.20 49.09 11.93
C ALA D 122 -29.74 47.82 12.56
N GLN D 123 -30.82 47.30 12.01
CA GLN D 123 -31.42 46.05 12.47
C GLN D 123 -31.01 44.93 11.53
N ILE D 124 -30.31 43.93 12.07
CA ILE D 124 -29.82 42.79 11.30
C ILE D 124 -30.63 41.53 11.64
N ILE D 125 -30.97 40.76 10.60
CA ILE D 125 -31.63 39.47 10.75
C ILE D 125 -30.64 38.43 10.23
N ARG D 126 -30.00 37.72 11.16
CA ARG D 126 -29.05 36.68 10.79
C ARG D 126 -29.80 35.38 10.50
N LEU D 127 -29.48 34.77 9.36
CA LEU D 127 -30.14 33.56 8.88
C LEU D 127 -29.12 32.51 8.49
N ASN D 128 -29.48 31.25 8.72
CA ASN D 128 -28.60 30.10 8.46
C ASN D 128 -28.82 29.48 7.08
N ASN D 129 -30.07 29.51 6.60
CA ASN D 129 -30.44 28.98 5.28
C ASN D 129 -30.68 30.14 4.30
N GLU D 130 -30.26 29.95 3.05
CA GLU D 130 -30.44 30.95 1.99
C GLU D 130 -31.89 31.01 1.48
N ASP D 131 -32.57 29.86 1.48
CA ASP D 131 -33.99 29.79 1.11
C ASP D 131 -34.88 30.54 2.11
N LYS D 132 -34.61 30.33 3.40
CA LYS D 132 -35.33 31.02 4.47
C LYS D 132 -35.05 32.53 4.48
N ALA D 133 -33.86 32.93 4.03
CA ALA D 133 -33.48 34.34 3.94
C ALA D 133 -34.29 35.08 2.87
N LYS D 134 -34.36 34.52 1.67
CA LYS D 134 -35.12 35.12 0.55
C LYS D 134 -36.63 35.24 0.85
N GLU D 135 -37.16 34.35 1.69
CA GLU D 135 -38.56 34.43 2.14
C GLU D 135 -38.80 35.65 3.04
N VAL D 136 -37.91 35.85 4.01
CA VAL D 136 -38.02 36.99 4.95
C VAL D 136 -37.75 38.32 4.23
N LEU D 137 -36.84 38.30 3.25
CA LEU D 137 -36.56 39.46 2.40
C LEU D 137 -37.82 40.02 1.74
N GLU D 138 -38.68 39.12 1.25
CA GLU D 138 -39.98 39.51 0.68
C GLU D 138 -40.92 40.12 1.73
N LYS D 139 -40.97 39.51 2.91
CA LYS D 139 -41.85 39.95 4.00
C LYS D 139 -41.48 41.35 4.53
N ALA D 140 -40.18 41.64 4.62
CA ALA D 140 -39.69 42.93 5.10
C ALA D 140 -40.02 44.07 4.14
N LYS D 141 -39.85 43.84 2.84
CA LYS D 141 -40.12 44.86 1.82
C LYS D 141 -41.60 45.26 1.68
N ALA D 142 -42.52 44.36 2.07
CA ALA D 142 -43.95 44.65 2.05
C ALA D 142 -44.32 45.67 3.12
N GLY D 144 -45.53 47.99 5.20
CA GLY D 144 -46.57 47.15 5.77
C GLY D 144 -46.09 46.35 6.98
N ALA D 145 -44.98 45.65 6.81
CA ALA D 145 -44.41 44.80 7.86
C ALA D 145 -43.57 45.63 8.84
N ASP D 146 -43.47 45.13 10.07
CA ASP D 146 -42.63 45.72 11.12
C ASP D 146 -41.35 44.90 11.20
N PHE D 147 -40.20 45.56 11.01
CA PHE D 147 -38.91 44.87 10.92
C PHE D 147 -38.40 44.31 12.25
N ALA D 148 -38.76 44.95 13.36
CA ALA D 148 -38.38 44.50 14.70
C ALA D 148 -38.91 43.11 15.04
N GLN D 149 -40.17 42.85 14.67
CA GLN D 149 -40.79 41.53 14.89
C GLN D 149 -40.26 40.43 13.96
N LEU D 150 -39.90 40.81 12.73
CA LEU D 150 -39.26 39.87 11.79
C LEU D 150 -37.91 39.37 12.32
N ALA D 151 -37.16 40.27 12.97
CA ALA D 151 -35.90 39.91 13.62
C ALA D 151 -36.13 39.06 14.88
N LYS D 152 -37.13 39.42 15.68
CA LYS D 152 -37.50 38.64 16.87
C LYS D 152 -37.96 37.23 16.52
N ASP D 153 -38.86 37.11 15.54
CA ASP D 153 -39.45 35.83 15.16
C ASP D 153 -38.61 34.99 14.16
N ASN D 154 -37.46 35.50 13.70
CA ASN D 154 -36.66 34.77 12.69
C ASN D 154 -35.13 34.75 12.87
N SER D 155 -34.53 35.78 13.49
CA SER D 155 -33.06 35.89 13.59
C SER D 155 -32.43 34.83 14.51
N THR D 156 -31.26 34.34 14.10
CA THR D 156 -30.53 33.31 14.86
C THR D 156 -29.57 33.89 15.91
N ASP D 157 -29.05 35.09 15.67
CA ASP D 157 -28.13 35.75 16.59
C ASP D 157 -28.87 36.12 17.88
N GLU D 158 -28.57 35.37 18.95
CA GLU D 158 -29.29 35.48 20.24
C GLU D 158 -29.24 36.86 20.90
N LYS D 159 -28.12 37.57 20.70
CA LYS D 159 -27.93 38.90 21.30
C LYS D 159 -28.85 39.95 20.68
N THR D 160 -28.84 40.03 19.35
CA THR D 160 -29.67 41.01 18.61
C THR D 160 -31.14 40.61 18.49
N LYS D 161 -31.43 39.31 18.47
CA LYS D 161 -32.80 38.78 18.34
C LYS D 161 -33.80 39.41 19.32
N GLU D 162 -33.42 39.45 20.60
CA GLU D 162 -34.31 39.96 21.67
C GLU D 162 -34.47 41.48 21.66
N ASN D 163 -33.55 42.20 21.02
CA ASN D 163 -33.62 43.66 20.90
C ASN D 163 -34.21 44.13 19.54
N GLY D 164 -34.97 43.26 18.87
CA GLY D 164 -35.53 43.57 17.56
C GLY D 164 -34.48 43.66 16.46
N GLY D 165 -33.48 42.78 16.53
CA GLY D 165 -32.36 42.78 15.58
C GLY D 165 -31.41 43.97 15.65
N GLU D 166 -31.59 44.85 16.64
CA GLU D 166 -30.98 46.18 16.64
C GLU D 166 -29.54 46.13 17.13
N ILE D 167 -28.66 46.83 16.41
CA ILE D 167 -27.26 47.03 16.82
C ILE D 167 -26.73 48.32 16.22
N THR D 168 -25.91 49.04 17.00
CA THR D 168 -25.29 50.29 16.58
C THR D 168 -23.78 50.10 16.44
N PHE D 169 -23.21 50.67 15.38
CA PHE D 169 -21.80 50.45 15.04
C PHE D 169 -21.24 51.46 14.05
N ASP D 170 -19.91 51.58 14.04
CA ASP D 170 -19.17 52.40 13.07
C ASP D 170 -18.29 51.46 12.24
N SER D 171 -17.48 52.02 11.34
CA SER D 171 -16.56 51.23 10.50
C SER D 171 -15.52 50.42 11.28
N ALA D 172 -15.20 50.86 12.50
CA ALA D 172 -14.23 50.18 13.37
C ALA D 172 -14.76 48.90 14.02
N SER D 173 -16.05 48.85 14.32
CA SER D 173 -16.63 47.78 15.15
C SER D 173 -16.49 46.38 14.51
N THR D 174 -15.83 45.48 15.23
CA THR D 174 -15.62 44.09 14.79
C THR D 174 -16.82 43.17 15.07
N GLU D 175 -17.78 43.63 15.88
CA GLU D 175 -18.95 42.84 16.27
C GLU D 175 -19.95 42.58 15.13
N VAL D 176 -19.81 43.31 14.03
CA VAL D 176 -20.58 43.07 12.80
C VAL D 176 -19.60 42.82 11.63
N PRO D 177 -19.90 41.86 10.73
CA PRO D 177 -18.97 41.52 9.63
C PRO D 177 -18.71 42.64 8.63
N GLU D 178 -17.59 42.55 7.91
CA GLU D 178 -17.16 43.58 6.95
C GLU D 178 -18.08 43.66 5.71
N GLN D 179 -18.59 42.53 5.26
CA GLN D 179 -19.59 42.49 4.17
C GLN D 179 -20.92 43.12 4.60
N VAL D 180 -21.29 42.91 5.86
CA VAL D 180 -22.52 43.46 6.44
C VAL D 180 -22.39 44.98 6.71
N LYS D 181 -21.24 45.40 7.24
CA LYS D 181 -20.96 46.82 7.48
C LYS D 181 -21.02 47.62 6.18
N LYS D 182 -20.29 47.17 5.16
CA LYS D 182 -20.24 47.86 3.87
C LYS D 182 -21.59 47.90 3.16
N ALA D 183 -22.41 46.87 3.35
CA ALA D 183 -23.80 46.85 2.89
C ALA D 183 -24.63 47.91 3.64
N ALA D 184 -24.48 47.95 4.97
CA ALA D 184 -25.21 48.89 5.82
C ALA D 184 -24.88 50.37 5.54
N PHE D 185 -23.62 50.66 5.24
CA PHE D 185 -23.20 52.04 4.92
C PHE D 185 -23.70 52.52 3.56
N ALA D 186 -24.01 51.59 2.65
CA ALA D 186 -24.53 51.91 1.32
C ALA D 186 -26.06 52.09 1.25
N LEU D 187 -26.80 51.74 2.32
CA LEU D 187 -28.25 51.91 2.34
C LEU D 187 -28.69 53.35 2.63
N ASP D 188 -29.93 53.65 2.23
CA ASP D 188 -30.64 54.88 2.61
C ASP D 188 -31.32 54.63 3.95
N VAL D 189 -31.67 55.69 4.66
CA VAL D 189 -32.35 55.57 5.96
C VAL D 189 -33.71 54.87 5.76
N ASP D 190 -33.98 53.91 6.64
CA ASP D 190 -35.16 53.03 6.58
C ASP D 190 -35.23 52.12 5.34
N GLY D 191 -34.08 51.91 4.68
CA GLY D 191 -33.99 51.06 3.49
C GLY D 191 -33.53 49.67 3.88
N VAL D 192 -34.00 48.67 3.14
CA VAL D 192 -33.68 47.27 3.40
C VAL D 192 -32.73 46.74 2.33
N SER D 193 -31.72 46.00 2.75
CA SER D 193 -30.75 45.39 1.84
C SER D 193 -31.30 44.10 1.23
N ASP D 194 -30.55 43.55 0.29
CA ASP D 194 -30.78 42.21 -0.25
C ASP D 194 -30.09 41.20 0.69
N VAL D 195 -30.16 39.92 0.34
CA VAL D 195 -29.44 38.87 1.09
C VAL D 195 -27.92 39.03 0.92
N ILE D 196 -27.20 39.03 2.04
CA ILE D 196 -25.75 39.19 2.08
C ILE D 196 -25.14 37.88 2.59
N THR D 197 -24.09 37.41 1.93
CA THR D 197 -23.39 36.18 2.33
C THR D 197 -22.02 36.52 2.93
N ALA D 198 -21.81 36.11 4.18
CA ALA D 198 -20.52 36.25 4.86
C ALA D 198 -19.83 34.89 4.91
N THR D 199 -18.50 34.89 4.75
CA THR D 199 -17.71 33.66 4.75
C THR D 199 -16.22 33.96 4.98
N SER D 206 -21.16 29.45 6.41
CA SER D 206 -21.60 30.63 5.68
C SER D 206 -22.99 31.08 6.13
N GLN D 207 -23.06 32.24 6.78
CA GLN D 207 -24.31 32.80 7.31
C GLN D 207 -24.85 33.90 6.39
N TYR D 208 -26.17 34.08 6.41
CA TYR D 208 -26.88 34.99 5.51
C TYR D 208 -27.57 36.13 6.28
N TYR D 209 -27.24 37.38 5.94
CA TYR D 209 -27.72 38.56 6.68
C TYR D 209 -28.68 39.41 5.84
N ILE D 210 -29.68 40.00 6.52
CA ILE D 210 -30.55 41.03 5.92
C ILE D 210 -30.55 42.24 6.85
N VAL D 211 -30.10 43.39 6.34
CA VAL D 211 -29.94 44.62 7.12
C VAL D 211 -31.05 45.61 6.81
N LYS D 212 -31.50 46.33 7.86
CA LYS D 212 -32.34 47.52 7.70
C LYS D 212 -31.67 48.68 8.42
N LEU D 213 -31.40 49.75 7.69
CA LEU D 213 -30.76 50.94 8.24
C LEU D 213 -31.78 51.79 8.98
N THR D 214 -31.67 51.82 10.32
CA THR D 214 -32.59 52.58 11.17
C THR D 214 -32.15 54.03 11.27
N LYS D 215 -30.86 54.25 11.50
CA LYS D 215 -30.31 55.57 11.79
C LYS D 215 -28.89 55.74 11.22
N LYS D 216 -28.68 56.78 10.42
CA LYS D 216 -27.36 57.11 9.86
C LYS D 216 -26.88 58.47 10.39
N THR D 217 -25.72 58.48 11.04
CA THR D 217 -25.06 59.71 11.46
C THR D 217 -24.41 60.38 10.25
N GLU D 218 -24.69 61.67 10.06
CA GLU D 218 -24.06 62.45 9.00
C GLU D 218 -22.63 62.73 9.43
N LYS D 219 -21.68 62.42 8.56
CA LYS D 219 -20.26 62.51 8.89
C LYS D 219 -19.81 63.97 8.99
N SER D 220 -19.19 64.30 10.12
CA SER D 220 -18.69 65.65 10.36
C SER D 220 -17.45 65.96 9.51
N SER D 221 -17.26 67.26 9.28
CA SER D 221 -16.11 67.78 8.54
C SER D 221 -14.86 67.92 9.42
N ASN D 222 -15.02 67.89 10.75
CA ASN D 222 -13.95 68.18 11.69
C ASN D 222 -13.39 66.91 12.33
N ILE D 223 -12.09 66.70 12.16
CA ILE D 223 -11.39 65.54 12.71
C ILE D 223 -11.48 65.44 14.24
N ASP D 224 -11.42 66.59 14.92
CA ASP D 224 -11.51 66.65 16.38
C ASP D 224 -12.78 66.00 16.97
N ASP D 225 -13.84 65.90 16.17
CA ASP D 225 -15.10 65.27 16.58
C ASP D 225 -15.01 63.74 16.73
N TYR D 226 -13.99 63.11 16.13
CA TYR D 226 -13.78 61.66 16.23
C TYR D 226 -12.38 61.28 16.74
N LYS D 227 -11.69 62.23 17.39
CA LYS D 227 -10.28 62.06 17.78
C LYS D 227 -10.02 60.72 18.51
N GLU D 228 -10.78 60.45 19.56
CA GLU D 228 -10.56 59.25 20.39
C GLU D 228 -10.92 57.95 19.68
N LYS D 229 -11.99 57.97 18.89
CA LYS D 229 -12.38 56.81 18.09
C LYS D 229 -11.33 56.51 17.01
N LEU D 230 -10.95 57.54 16.26
CA LEU D 230 -9.91 57.40 15.22
C LEU D 230 -8.57 56.92 15.78
N LYS D 231 -8.24 57.35 16.99
CA LYS D 231 -7.07 56.84 17.73
C LYS D 231 -7.21 55.34 17.96
N THR D 232 -8.37 54.92 18.45
CA THR D 232 -8.66 53.50 18.70
C THR D 232 -8.62 52.65 17.41
N VAL D 233 -8.99 53.23 16.28
CA VAL D 233 -8.85 52.55 14.97
C VAL D 233 -7.38 52.34 14.62
N ILE D 234 -6.57 53.40 14.75
CA ILE D 234 -5.15 53.34 14.39
C ILE D 234 -4.40 52.36 15.28
N LEU D 235 -4.64 52.43 16.59
CA LEU D 235 -4.01 51.51 17.55
C LEU D 235 -4.40 50.06 17.29
N THR D 236 -5.69 49.83 17.08
CA THR D 236 -6.22 48.49 16.77
C THR D 236 -5.63 47.94 15.47
N GLN D 237 -5.46 48.80 14.47
CA GLN D 237 -4.82 48.43 13.21
C GLN D 237 -3.37 48.00 13.42
N LYS D 238 -2.64 48.78 14.22
CA LYS D 238 -1.25 48.43 14.59
C LYS D 238 -1.17 47.13 15.39
N GLN D 239 -2.20 46.87 16.20
CA GLN D 239 -2.31 45.61 16.96
C GLN D 239 -2.44 44.39 16.05
N ASN D 240 -3.28 44.51 15.02
CA ASN D 240 -3.51 43.43 14.05
C ASN D 240 -2.50 43.38 12.88
N ASP D 241 -1.53 44.29 12.84
CA ASP D 241 -0.46 44.27 11.85
C ASP D 241 0.67 43.36 12.35
N SER D 242 0.81 42.17 11.73
CA SER D 242 1.80 41.17 12.15
C SER D 242 3.25 41.64 12.03
N THR D 243 3.56 42.32 10.92
CA THR D 243 4.89 42.91 10.70
C THR D 243 5.26 43.89 11.82
N PHE D 244 4.28 44.72 12.22
CA PHE D 244 4.49 45.68 13.29
C PHE D 244 4.73 44.95 14.62
N VAL D 245 3.84 44.02 14.94
CA VAL D 245 3.90 43.23 16.18
C VAL D 245 5.23 42.49 16.31
N GLN D 246 5.62 41.80 15.24
CA GLN D 246 6.90 41.06 15.20
C GLN D 246 8.09 41.99 15.44
N SER D 247 8.09 43.14 14.76
CA SER D 247 9.15 44.14 14.92
C SER D 247 9.29 44.61 16.37
N ILE D 248 8.15 44.85 17.02
CA ILE D 248 8.13 45.24 18.45
C ILE D 248 8.71 44.14 19.33
N ILE D 249 8.31 42.90 19.10
CA ILE D 249 8.84 41.75 19.85
C ILE D 249 10.35 41.66 19.62
N GLY D 250 10.75 41.74 18.35
CA GLY D 250 12.16 41.73 17.94
C GLY D 250 13.01 42.76 18.64
N LYS D 251 12.55 44.02 18.64
CA LYS D 251 13.29 45.12 19.27
C LYS D 251 13.34 44.99 20.80
N GLU D 252 12.28 44.46 21.38
CA GLU D 252 12.22 44.18 22.83
C GLU D 252 13.21 43.09 23.25
N LEU D 253 13.36 42.05 22.42
CA LEU D 253 14.36 40.98 22.64
C LEU D 253 15.81 41.51 22.54
N GLN D 254 16.08 42.37 21.55
CA GLN D 254 17.38 43.05 21.45
C GLN D 254 17.72 43.83 22.71
N ALA D 255 16.72 44.52 23.28
CA ALA D 255 16.91 45.30 24.52
C ALA D 255 17.22 44.46 25.77
N ALA D 256 16.80 43.20 25.76
CA ALA D 256 17.10 42.26 26.86
C ALA D 256 18.55 41.74 26.89
N ASN D 257 19.29 41.92 25.79
CA ASN D 257 20.69 41.48 25.65
C ASN D 257 20.79 39.95 25.70
N ILE D 258 20.05 39.30 24.81
CA ILE D 258 19.91 37.85 24.83
C ILE D 258 21.13 37.17 24.24
N LYS D 259 21.74 36.28 25.02
CA LYS D 259 22.77 35.38 24.52
C LYS D 259 22.16 33.98 24.39
N VAL D 260 22.31 33.40 23.21
CA VAL D 260 21.91 32.02 22.95
C VAL D 260 23.08 31.13 23.37
N LYS D 261 22.94 30.44 24.50
CA LYS D 261 24.04 29.63 25.07
C LYS D 261 24.21 28.23 24.44
N ASP D 262 23.38 27.87 23.46
CA ASP D 262 23.49 26.60 22.74
C ASP D 262 23.25 26.83 21.25
N GLN D 263 24.23 26.43 20.42
CA GLN D 263 24.21 26.64 18.96
C GLN D 263 23.00 26.03 18.23
N ALA D 264 22.37 25.02 18.82
CA ALA D 264 21.14 24.43 18.28
C ALA D 264 20.01 25.46 18.08
N PHE D 265 19.85 26.37 19.04
CA PHE D 265 18.79 27.39 19.00
C PHE D 265 19.18 28.69 18.28
N GLN D 266 20.41 28.79 17.74
CA GLN D 266 20.92 30.07 17.19
C GLN D 266 20.09 30.60 16.02
N ASN D 267 19.62 29.71 15.15
CA ASN D 267 18.94 30.11 13.92
C ASN D 267 17.51 30.64 14.13
N ILE D 268 16.78 30.05 15.07
CA ILE D 268 15.37 30.41 15.30
C ILE D 268 15.23 31.80 15.95
N PHE D 269 16.20 32.19 16.79
CA PHE D 269 16.27 33.55 17.33
C PHE D 269 16.72 34.56 16.29
N THR D 270 17.60 34.16 15.37
CA THR D 270 18.10 35.03 14.29
C THR D 270 16.99 35.57 13.36
N GLN D 271 15.82 34.92 13.34
CA GLN D 271 14.60 35.50 12.72
C GLN D 271 14.17 36.83 13.36
N TYR D 272 14.40 36.99 14.66
CA TYR D 272 14.18 38.26 15.37
C TYR D 272 15.45 39.10 15.48
N ILE D 273 16.50 38.53 16.09
CA ILE D 273 17.73 39.27 16.42
C ILE D 273 18.90 38.93 15.48
CL CL E . 13.95 11.06 17.03
S SO4 F . 17.54 28.16 0.04
O1 SO4 F . 18.24 29.45 0.05
O2 SO4 F . 17.58 27.56 1.40
O3 SO4 F . 18.19 27.23 -0.93
O4 SO4 F . 16.12 28.37 -0.36
C1 GOL G . 12.40 10.97 6.64
O1 GOL G . 12.95 10.46 7.85
C2 GOL G . 13.33 12.02 6.00
O2 GOL G . 13.89 12.87 7.01
C3 GOL G . 14.44 11.33 5.23
O3 GOL G . 15.45 12.27 4.84
CL CL H . -6.86 -14.30 -27.18
CL CL I . -8.37 9.09 23.29
CL CL J . -10.75 -7.84 -5.81
S SO4 K . 3.44 11.50 -15.86
O1 SO4 K . 4.45 11.19 -14.82
O2 SO4 K . 2.55 12.59 -15.39
O3 SO4 K . 2.64 10.29 -16.12
O4 SO4 K . 4.11 11.92 -17.11
S SO4 L . -11.31 -9.50 -11.53
O1 SO4 L . -10.05 -9.36 -10.78
O2 SO4 L . -11.60 -8.27 -12.28
O3 SO4 L . -11.20 -10.64 -12.47
O4 SO4 L . -12.41 -9.78 -10.57
C1 GOL M . -28.08 -38.55 -4.35
O1 GOL M . -28.82 -37.40 -3.97
C2 GOL M . -26.61 -38.37 -3.96
O2 GOL M . -26.52 -38.20 -2.54
C3 GOL M . -25.80 -39.60 -4.38
O3 GOL M . -24.49 -39.56 -3.81
CL CL N . -13.02 -38.90 -36.37
CL CL O . 34.05 -57.55 -21.61
C1 GOL P . -31.03 -24.39 -0.78
O1 GOL P . -31.66 -23.36 -1.56
C2 GOL P . -31.89 -25.66 -0.82
O2 GOL P . -31.88 -26.20 -2.14
C3 GOL P . -31.37 -26.71 0.17
O3 GOL P . -32.39 -27.04 1.13
C1 GOL Q . -31.51 -18.32 15.77
O1 GOL Q . -32.53 -17.46 15.24
C2 GOL Q . -30.18 -18.04 15.07
O2 GOL Q . -29.90 -16.63 15.10
C3 GOL Q . -29.05 -18.85 15.71
O3 GOL Q . -28.27 -18.05 16.61
CL CL R . -20.01 20.16 26.54
C1 GOL S . 25.08 12.95 30.67
O1 GOL S . 24.91 12.42 29.35
C2 GOL S . 24.23 12.19 31.70
O2 GOL S . 23.09 11.58 31.08
C3 GOL S . 23.73 13.12 32.82
O3 GOL S . 24.79 13.95 33.32
C1 GOL T . 8.26 60.01 18.50
O1 GOL T . 8.32 61.08 19.45
C2 GOL T . 8.42 60.57 17.09
O2 GOL T . 9.71 61.17 16.97
C3 GOL T . 8.22 59.48 16.03
O3 GOL T . 9.47 58.91 15.61
C1 GOL U . 8.30 49.73 14.21
O1 GOL U . 8.34 49.15 15.52
C2 GOL U . 8.51 51.24 14.30
O2 GOL U . 9.91 51.52 14.47
C3 GOL U . 7.99 51.92 13.04
O3 GOL U . 8.33 53.32 13.01
#